data_1ZWU
#
_entry.id   1ZWU
#
_entity_poly.entity_id   1
_entity_poly.type   'polypeptide(L)'
_entity_poly.pdbx_seq_one_letter_code
;VGECVRGRCPSGMCCSQ(NAL)GYCGKGPKYCGR
;
_entity_poly.pdbx_strand_id   A
#
# COMPACT_ATOMS: atom_id res chain seq x y z
N VAL A 1 -1.50 -2.82 5.80
CA VAL A 1 -0.78 -3.87 5.06
C VAL A 1 -1.71 -5.05 4.86
N GLY A 2 -1.67 -5.68 3.68
CA GLY A 2 -2.87 -6.31 3.13
C GLY A 2 -3.75 -5.16 2.66
N GLU A 3 -4.79 -4.80 3.39
CA GLU A 3 -5.54 -3.55 3.17
C GLU A 3 -4.67 -2.29 3.45
N CYS A 4 -4.92 -1.19 2.74
CA CYS A 4 -4.60 0.16 3.20
C CYS A 4 -5.62 0.60 4.26
N VAL A 5 -5.26 0.53 5.55
CA VAL A 5 -6.19 0.69 6.69
C VAL A 5 -6.77 2.11 6.69
N ARG A 6 -8.04 2.26 6.29
CA ARG A 6 -8.67 3.57 6.03
C ARG A 6 -7.82 4.42 5.06
N GLY A 7 -7.04 3.76 4.19
CA GLY A 7 -6.07 4.37 3.26
C GLY A 7 -4.65 4.54 3.80
N ARG A 8 -4.36 4.22 5.07
CA ARG A 8 -3.02 4.31 5.66
C ARG A 8 -2.21 3.01 5.47
N CYS A 9 -0.91 3.12 5.76
CA CYS A 9 0.08 2.04 5.75
C CYS A 9 0.96 2.12 7.01
N PRO A 10 1.56 1.00 7.45
CA PRO A 10 2.57 1.00 8.51
C PRO A 10 3.94 1.47 7.99
N SER A 11 4.91 1.57 8.91
CA SER A 11 6.27 2.10 8.77
C SER A 11 6.90 1.95 7.38
N GLY A 12 6.76 2.98 6.56
CA GLY A 12 7.40 3.09 5.24
C GLY A 12 6.75 2.28 4.12
N MET A 13 5.62 1.58 4.35
CA MET A 13 4.89 0.90 3.27
C MET A 13 4.05 1.88 2.43
N CYS A 14 3.53 1.39 1.31
CA CYS A 14 2.86 2.16 0.26
C CYS A 14 1.52 1.51 -0.16
N CYS A 15 0.61 2.30 -0.74
CA CYS A 15 -0.77 1.89 -1.04
C CYS A 15 -1.04 1.78 -2.55
N SER A 16 -1.34 0.57 -3.03
CA SER A 16 -1.70 0.26 -4.42
C SER A 16 -3.06 0.82 -4.83
N GLN A 17 -3.28 0.88 -6.16
CA GLN A 17 -4.54 1.26 -6.80
C GLN A 17 -5.75 0.40 -6.40
C1 NAL A 18 -4.16 -3.60 -7.34
C2 NAL A 18 -5.52 -3.36 -7.06
C3 NAL A 18 -6.44 -3.24 -8.13
C4 NAL A 18 -6.01 -3.32 -9.47
C4A NAL A 18 -4.65 -3.54 -9.74
C5 NAL A 18 -4.20 -3.60 -11.08
C6 NAL A 18 -2.84 -3.85 -11.35
C7 NAL A 18 -1.94 -4.01 -10.30
C8 NAL A 18 -2.37 -3.91 -8.97
C8A NAL A 18 -3.72 -3.70 -8.68
C9 NAL A 18 -5.99 -3.15 -5.63
CA NAL A 18 -6.52 -1.73 -5.38
C NAL A 18 -6.92 -1.51 -3.91
N NAL A 18 -5.50 -0.78 -5.83
O NAL A 18 -7.67 -2.31 -3.37
H1 NAL A 18 -3.51 -3.70 -6.60
H3 NAL A 18 -7.40 -3.09 -7.93
H4 NAL A 18 -6.66 -3.22 -10.21
H5 NAL A 18 -4.84 -3.46 -11.83
H6 NAL A 18 -2.52 -3.90 -12.31
H7 NAL A 18 -0.97 -4.19 -10.50
H8 NAL A 18 -1.70 -4.02 -8.22
H91 NAL A 18 -5.16 -3.35 -4.95
H92 NAL A 18 -6.78 -3.87 -5.42
HA NAL A 18 -7.42 -1.59 -5.98
H NAL A 18 -4.53 -1.04 -5.71
N GLY A 19 -6.40 -0.46 -3.26
CA GLY A 19 -6.64 -0.21 -1.83
C GLY A 19 -5.88 -1.19 -0.93
N TYR A 20 -4.84 -1.85 -1.47
CA TYR A 20 -4.00 -2.80 -0.75
C TYR A 20 -2.59 -2.24 -0.56
N CYS A 21 -2.06 -2.41 0.66
CA CYS A 21 -0.85 -1.81 1.18
C CYS A 21 0.26 -2.85 1.35
N GLY A 22 1.48 -2.47 0.97
CA GLY A 22 2.67 -3.32 0.97
C GLY A 22 3.91 -2.54 0.57
N LYS A 23 4.97 -3.24 0.15
CA LYS A 23 6.21 -2.63 -0.36
C LYS A 23 6.63 -3.33 -1.65
N GLY A 24 6.84 -2.55 -2.71
CA GLY A 24 7.18 -3.03 -4.05
C GLY A 24 6.60 -2.15 -5.17
N PRO A 25 6.88 -2.47 -6.45
CA PRO A 25 6.49 -1.69 -7.62
C PRO A 25 5.02 -1.25 -7.63
N LYS A 26 4.09 -2.19 -7.48
CA LYS A 26 2.64 -1.93 -7.50
C LYS A 26 2.11 -1.21 -6.25
N TYR A 27 2.95 -1.05 -5.22
CA TYR A 27 2.59 -0.34 -3.99
C TYR A 27 3.15 1.09 -3.99
N CYS A 28 4.46 1.25 -4.25
CA CYS A 28 5.14 2.54 -4.20
C CYS A 28 5.26 3.23 -5.56
N GLY A 29 5.16 2.47 -6.67
CA GLY A 29 4.80 2.95 -8.00
C GLY A 29 3.31 2.64 -8.23
N ARG A 30 2.95 2.06 -9.38
CA ARG A 30 1.59 1.63 -9.72
C ARG A 30 1.64 0.37 -10.57
N VAL A 1 -3.50 -3.20 6.17
CA VAL A 1 -2.51 -3.99 5.40
C VAL A 1 -3.16 -4.76 4.25
N GLY A 2 -4.02 -5.75 4.55
CA GLY A 2 -4.85 -6.49 3.58
C GLY A 2 -6.04 -5.68 3.05
N GLU A 3 -5.79 -4.38 2.88
CA GLU A 3 -6.63 -3.19 2.82
C GLU A 3 -5.78 -1.98 3.25
N CYS A 4 -5.91 -0.83 2.59
CA CYS A 4 -5.31 0.41 3.07
C CYS A 4 -6.08 0.90 4.30
N VAL A 5 -5.40 0.97 5.45
CA VAL A 5 -5.89 1.24 6.81
C VAL A 5 -6.59 2.60 6.87
N ARG A 6 -7.87 2.59 6.52
CA ARG A 6 -8.69 3.74 6.13
C ARG A 6 -7.91 4.71 5.23
N GLY A 7 -7.15 4.15 4.28
CA GLY A 7 -6.27 4.85 3.33
C GLY A 7 -4.79 4.95 3.73
N ARG A 8 -4.40 4.67 4.98
CA ARG A 8 -3.00 4.59 5.43
C ARG A 8 -2.41 3.20 5.17
N CYS A 9 -1.12 3.02 5.43
CA CYS A 9 -0.44 1.73 5.43
C CYS A 9 0.59 1.66 6.57
N PRO A 10 1.07 0.46 6.94
CA PRO A 10 2.15 0.25 7.92
C PRO A 10 3.45 1.00 7.60
N SER A 11 4.37 1.04 8.57
CA SER A 11 5.67 1.73 8.56
C SER A 11 6.46 1.56 7.26
N GLY A 12 6.40 2.57 6.38
CA GLY A 12 7.11 2.59 5.10
C GLY A 12 6.43 1.83 3.95
N MET A 13 5.29 1.17 4.21
CA MET A 13 4.42 0.62 3.17
C MET A 13 3.54 1.73 2.55
N CYS A 14 3.00 1.43 1.37
CA CYS A 14 2.26 2.36 0.53
C CYS A 14 1.03 1.67 -0.08
N CYS A 15 0.03 2.47 -0.45
CA CYS A 15 -1.28 2.02 -0.91
C CYS A 15 -1.29 1.81 -2.44
N SER A 16 -1.44 0.56 -2.89
CA SER A 16 -1.53 0.18 -4.30
C SER A 16 -2.84 0.63 -4.98
N GLN A 17 -2.88 0.54 -6.31
CA GLN A 17 -3.98 0.97 -7.18
C GLN A 17 -5.32 0.23 -6.97
C1 NAL A 18 -4.71 -3.68 -7.98
C2 NAL A 18 -5.98 -3.20 -7.61
C3 NAL A 18 -6.89 -2.82 -8.61
C4 NAL A 18 -6.54 -2.90 -9.98
C4A NAL A 18 -5.26 -3.35 -10.34
C5 NAL A 18 -4.86 -3.37 -11.69
C6 NAL A 18 -3.57 -3.80 -12.04
C7 NAL A 18 -2.65 -4.18 -11.04
C8 NAL A 18 -3.05 -4.15 -9.69
C8A NAL A 18 -4.35 -3.75 -9.33
C9 NAL A 18 -6.34 -3.04 -6.15
CA NAL A 18 -6.51 -1.57 -5.71
C NAL A 18 -6.82 -1.47 -4.21
N NAL A 18 -5.33 -0.80 -6.11
O NAL A 18 -7.65 -2.22 -3.70
H1 NAL A 18 -4.06 -3.96 -7.26
H3 NAL A 18 -7.80 -2.50 -8.36
H4 NAL A 18 -7.19 -2.64 -10.69
H5 NAL A 18 -5.50 -3.09 -12.40
H6 NAL A 18 -3.29 -3.82 -13.00
H7 NAL A 18 -1.73 -4.48 -11.29
H8 NAL A 18 -2.40 -4.42 -8.97
H91 NAL A 18 -5.57 -3.50 -5.54
H92 NAL A 18 -7.28 -3.58 -5.97
HA NAL A 18 -7.39 -1.17 -6.22
H NAL A 18 -4.45 -1.01 -5.66
N GLY A 19 -6.15 -0.56 -3.47
CA GLY A 19 -6.45 -0.31 -2.06
C GLY A 19 -5.82 -1.31 -1.09
N TYR A 20 -4.61 -1.82 -1.41
CA TYR A 20 -3.84 -2.78 -0.61
C TYR A 20 -2.45 -2.24 -0.27
N CYS A 21 -1.88 -2.63 0.88
CA CYS A 21 -0.57 -2.14 1.33
C CYS A 21 0.61 -3.05 0.95
N GLY A 22 1.78 -2.45 0.75
CA GLY A 22 3.04 -3.14 0.46
C GLY A 22 4.16 -2.18 0.10
N LYS A 23 5.26 -2.69 -0.48
CA LYS A 23 6.41 -1.93 -0.96
C LYS A 23 6.86 -2.39 -2.35
N GLY A 24 7.74 -1.62 -2.99
CA GLY A 24 8.25 -1.90 -4.34
C GLY A 24 7.33 -1.38 -5.46
N PRO A 25 7.64 -1.67 -6.73
CA PRO A 25 6.95 -1.13 -7.91
C PRO A 25 5.42 -1.19 -7.89
N LYS A 26 4.85 -2.25 -7.31
CA LYS A 26 3.39 -2.43 -7.17
C LYS A 26 2.72 -1.51 -6.13
N TYR A 27 3.47 -0.79 -5.31
CA TYR A 27 2.95 -0.04 -4.15
C TYR A 27 3.58 1.35 -3.97
N CYS A 28 4.92 1.46 -4.09
CA CYS A 28 5.66 2.70 -3.81
C CYS A 28 6.91 2.92 -4.69
N GLY A 29 7.18 2.05 -5.67
CA GLY A 29 8.47 2.01 -6.36
C GLY A 29 9.55 1.28 -5.54
N ARG A 30 9.64 1.57 -4.24
CA ARG A 30 10.60 1.00 -3.29
C ARG A 30 9.96 0.42 -2.01
N VAL A 1 -6.33 -9.24 2.02
CA VAL A 1 -5.14 -9.14 2.89
C VAL A 1 -4.41 -7.84 2.61
N GLY A 2 -4.16 -7.01 3.63
CA GLY A 2 -3.47 -5.73 3.48
C GLY A 2 -4.39 -4.55 3.12
N GLU A 3 -5.72 -4.71 3.18
CA GLU A 3 -6.75 -3.68 2.99
C GLU A 3 -6.43 -2.41 3.83
N CYS A 4 -5.98 -1.33 3.17
CA CYS A 4 -5.31 -0.18 3.80
C CYS A 4 -6.07 0.37 5.01
N VAL A 5 -5.34 1.02 5.93
CA VAL A 5 -5.88 1.76 7.10
C VAL A 5 -6.50 3.07 6.59
N ARG A 6 -7.63 2.87 5.92
CA ARG A 6 -8.50 3.76 5.15
C ARG A 6 -7.70 4.86 4.42
N GLY A 7 -6.65 4.42 3.71
CA GLY A 7 -5.68 5.23 2.95
C GLY A 7 -4.23 5.10 3.42
N ARG A 8 -3.97 4.60 4.64
CA ARG A 8 -2.64 4.54 5.28
C ARG A 8 -2.14 3.10 5.38
N CYS A 9 -0.84 2.93 5.63
CA CYS A 9 -0.14 1.65 5.69
C CYS A 9 0.97 1.65 6.77
N PRO A 10 1.54 0.48 7.12
CA PRO A 10 2.69 0.36 8.01
C PRO A 10 3.89 1.22 7.58
N SER A 11 4.77 1.54 8.55
CA SER A 11 5.95 2.39 8.42
C SER A 11 6.89 1.96 7.27
N GLY A 12 6.76 2.61 6.11
CA GLY A 12 7.55 2.35 4.92
C GLY A 12 6.82 1.60 3.79
N MET A 13 5.57 1.18 4.02
CA MET A 13 4.67 0.67 2.98
C MET A 13 3.78 1.77 2.40
N CYS A 14 3.11 1.47 1.29
CA CYS A 14 2.28 2.39 0.51
C CYS A 14 0.94 1.75 0.17
N CYS A 15 -0.14 2.55 0.16
CA CYS A 15 -1.48 2.10 -0.23
C CYS A 15 -1.62 2.16 -1.76
N SER A 16 -1.67 0.99 -2.39
CA SER A 16 -1.87 0.86 -3.84
C SER A 16 -3.29 1.23 -4.28
N GLN A 17 -3.46 1.46 -5.59
CA GLN A 17 -4.74 1.72 -6.26
C GLN A 17 -5.81 0.62 -6.05
C1 NAL A 18 -3.37 -2.76 -6.87
C2 NAL A 18 -4.73 -3.11 -6.80
C3 NAL A 18 -5.41 -3.47 -7.98
C4 NAL A 18 -4.74 -3.48 -9.23
C4A NAL A 18 -3.39 -3.10 -9.28
C5 NAL A 18 -2.70 -3.09 -10.52
C6 NAL A 18 -1.35 -2.69 -10.57
C7 NAL A 18 -0.68 -2.30 -9.40
C8 NAL A 18 -1.36 -2.33 -8.17
C8A NAL A 18 -2.71 -2.73 -8.10
C9 NAL A 18 -5.47 -3.01 -5.48
CA NAL A 18 -6.26 -1.70 -5.30
C NAL A 18 -6.83 -1.60 -3.86
N NAL A 18 -5.40 -0.58 -5.64
O NAL A 18 -7.56 -2.50 -3.43
H1 NAL A 18 -2.88 -2.54 -6.03
H3 NAL A 18 -6.38 -3.71 -7.94
H4 NAL A 18 -5.22 -3.75 -10.06
H5 NAL A 18 -3.17 -3.38 -11.35
H6 NAL A 18 -0.87 -2.68 -11.45
H7 NAL A 18 0.26 -2.00 -9.44
H8 NAL A 18 -0.88 -2.06 -7.33
H91 NAL A 18 -4.76 -3.10 -4.67
H92 NAL A 18 -6.16 -3.85 -5.40
HA NAL A 18 -7.11 -1.71 -5.98
H NAL A 18 -4.40 -0.70 -5.50
N GLY A 19 -6.48 -0.56 -3.11
CA GLY A 19 -6.82 -0.43 -1.69
C GLY A 19 -5.97 -1.32 -0.78
N TYR A 20 -4.84 -1.82 -1.28
CA TYR A 20 -3.96 -2.80 -0.63
C TYR A 20 -2.61 -2.16 -0.30
N CYS A 21 -2.14 -2.33 0.93
CA CYS A 21 -0.79 -1.97 1.38
C CYS A 21 0.28 -2.92 0.85
N GLY A 22 1.51 -2.40 0.70
CA GLY A 22 2.69 -3.19 0.35
C GLY A 22 3.90 -2.30 0.06
N LYS A 23 4.95 -2.89 -0.53
CA LYS A 23 6.16 -2.20 -0.97
C LYS A 23 6.60 -2.69 -2.36
N GLY A 24 7.52 -2.00 -3.02
CA GLY A 24 7.93 -2.33 -4.38
C GLY A 24 6.97 -1.81 -5.46
N PRO A 25 7.17 -2.19 -6.74
CA PRO A 25 6.53 -1.63 -7.92
C PRO A 25 5.03 -1.34 -7.83
N LYS A 26 4.24 -2.30 -7.34
CA LYS A 26 2.78 -2.21 -7.21
C LYS A 26 2.28 -1.24 -6.14
N TYR A 27 3.16 -0.71 -5.29
CA TYR A 27 2.79 0.03 -4.08
C TYR A 27 3.60 1.32 -3.91
N CYS A 28 4.93 1.19 -3.80
CA CYS A 28 5.89 2.25 -3.48
C CYS A 28 6.89 2.51 -4.63
N GLY A 29 6.84 1.75 -5.72
CA GLY A 29 7.85 1.76 -6.78
C GLY A 29 9.13 0.97 -6.41
N ARG A 30 9.60 1.12 -5.17
CA ARG A 30 10.74 0.41 -4.56
C ARG A 30 10.46 0.05 -3.09
N VAL A 1 -2.25 -4.97 3.20
CA VAL A 1 -2.86 -6.30 3.02
C VAL A 1 -4.14 -6.36 3.85
N GLY A 2 -5.17 -7.08 3.37
CA GLY A 2 -6.56 -6.82 3.77
C GLY A 2 -7.09 -5.52 3.14
N GLU A 3 -6.34 -4.43 3.32
CA GLU A 3 -6.56 -3.09 2.77
C GLU A 3 -5.23 -2.30 2.71
N CYS A 4 -5.31 -1.03 2.28
CA CYS A 4 -4.56 0.08 2.87
C CYS A 4 -5.41 0.62 4.04
N VAL A 5 -4.82 0.71 5.24
CA VAL A 5 -5.47 0.97 6.53
C VAL A 5 -6.28 2.27 6.48
N ARG A 6 -7.57 2.16 6.15
CA ARG A 6 -8.45 3.25 5.70
C ARG A 6 -7.71 4.25 4.78
N GLY A 7 -6.96 3.70 3.82
CA GLY A 7 -6.15 4.42 2.83
C GLY A 7 -4.66 4.57 3.17
N ARG A 8 -4.24 4.23 4.40
CA ARG A 8 -2.88 4.44 4.91
C ARG A 8 -2.04 3.14 4.93
N CYS A 9 -0.78 3.27 5.36
CA CYS A 9 0.17 2.19 5.56
C CYS A 9 0.96 2.41 6.86
N PRO A 10 1.57 1.36 7.45
CA PRO A 10 2.55 1.50 8.51
C PRO A 10 3.86 2.10 7.99
N SER A 11 4.70 2.60 8.91
CA SER A 11 5.93 3.34 8.67
C SER A 11 6.93 2.56 7.81
N GLY A 12 6.90 2.78 6.50
CA GLY A 12 7.79 2.18 5.51
C GLY A 12 7.08 1.36 4.43
N MET A 13 5.79 1.05 4.58
CA MET A 13 4.99 0.41 3.51
C MET A 13 4.29 1.44 2.62
N CYS A 14 3.73 0.98 1.49
CA CYS A 14 3.12 1.81 0.46
C CYS A 14 1.86 1.13 -0.15
N CYS A 15 1.03 1.89 -0.88
CA CYS A 15 -0.38 1.57 -1.12
C CYS A 15 -0.70 1.42 -2.62
N SER A 16 -1.00 0.19 -3.06
CA SER A 16 -1.35 -0.16 -4.45
C SER A 16 -2.73 0.38 -4.89
N GLN A 17 -2.97 0.44 -6.21
CA GLN A 17 -4.17 1.05 -6.81
C GLN A 17 -5.47 0.35 -6.41
C1 NAL A 18 -4.24 -3.69 -7.32
C2 NAL A 18 -5.61 -3.60 -7.02
C3 NAL A 18 -6.56 -3.84 -8.04
C4 NAL A 18 -6.14 -4.17 -9.34
C4A NAL A 18 -4.77 -4.29 -9.63
C5 NAL A 18 -4.35 -4.64 -10.93
C6 NAL A 18 -2.97 -4.76 -11.20
C7 NAL A 18 -2.02 -4.52 -10.19
C8 NAL A 18 -2.45 -4.14 -8.91
C8A NAL A 18 -3.82 -4.03 -8.62
C9 NAL A 18 -6.07 -3.20 -5.64
CA NAL A 18 -6.50 -1.73 -5.52
C NAL A 18 -6.94 -1.40 -4.09
N NAL A 18 -5.38 -0.91 -5.98
O NAL A 18 -7.87 -2.03 -3.60
H1 NAL A 18 -3.57 -3.51 -6.60
H3 NAL A 18 -7.54 -3.76 -7.83
H4 NAL A 18 -6.82 -4.34 -10.06
H5 NAL A 18 -5.02 -4.80 -11.65
H6 NAL A 18 -2.67 -5.03 -12.12
H7 NAL A 18 -1.05 -4.61 -10.39
H8 NAL A 18 -1.78 -3.93 -8.20
H91 NAL A 18 -5.28 -3.40 -4.93
H92 NAL A 18 -6.92 -3.84 -5.36
HA NAL A 18 -7.35 -1.56 -6.18
H NAL A 18 -4.46 -1.31 -5.96
N GLY A 19 -6.28 -0.45 -3.42
CA GLY A 19 -6.52 -0.19 -1.99
C GLY A 19 -5.91 -1.28 -1.13
N TYR A 20 -4.70 -1.74 -1.49
CA TYR A 20 -3.97 -2.80 -0.80
C TYR A 20 -2.54 -2.33 -0.46
N CYS A 21 -2.23 -2.23 0.83
CA CYS A 21 -0.91 -1.84 1.31
C CYS A 21 0.09 -3.00 1.26
N GLY A 22 1.37 -2.70 1.03
CA GLY A 22 2.47 -3.65 0.88
C GLY A 22 3.77 -2.93 0.52
N LYS A 23 4.68 -3.61 -0.18
CA LYS A 23 5.84 -2.99 -0.84
C LYS A 23 6.08 -3.60 -2.22
N GLY A 24 6.81 -2.86 -3.05
CA GLY A 24 7.11 -3.17 -4.45
C GLY A 24 6.75 -2.01 -5.37
N PRO A 25 7.11 -2.08 -6.66
CA PRO A 25 6.93 -0.97 -7.61
C PRO A 25 5.46 -0.61 -7.80
N LYS A 26 4.55 -1.59 -7.75
CA LYS A 26 3.11 -1.38 -7.83
C LYS A 26 2.48 -0.75 -6.58
N TYR A 27 3.22 -0.65 -5.47
CA TYR A 27 2.76 -0.08 -4.21
C TYR A 27 3.39 1.30 -3.96
N CYS A 28 4.70 1.40 -4.20
CA CYS A 28 5.48 2.62 -3.97
C CYS A 28 5.56 3.53 -5.21
N GLY A 29 5.24 3.01 -6.40
CA GLY A 29 4.72 3.77 -7.53
C GLY A 29 3.20 3.55 -7.63
N ARG A 30 2.51 4.39 -8.42
CA ARG A 30 1.05 4.35 -8.52
C ARG A 30 0.56 3.03 -9.15
N VAL A 1 -1.86 -5.00 2.81
CA VAL A 1 -2.58 -6.26 2.49
C VAL A 1 -3.68 -6.46 3.52
N GLY A 2 -4.77 -7.15 3.15
CA GLY A 2 -6.04 -7.08 3.87
C GLY A 2 -6.76 -5.76 3.57
N GLU A 3 -6.05 -4.64 3.73
CA GLU A 3 -6.41 -3.30 3.26
C GLU A 3 -5.14 -2.47 2.95
N CYS A 4 -5.34 -1.21 2.57
CA CYS A 4 -4.59 -0.05 3.03
C CYS A 4 -5.37 0.55 4.22
N VAL A 5 -4.86 0.44 5.44
CA VAL A 5 -5.58 0.71 6.71
C VAL A 5 -6.19 2.12 6.71
N ARG A 6 -7.51 2.20 6.45
CA ARG A 6 -8.26 3.45 6.21
C ARG A 6 -7.57 4.38 5.18
N GLY A 7 -6.78 3.82 4.25
CA GLY A 7 -6.04 4.50 3.19
C GLY A 7 -4.51 4.41 3.24
N ARG A 8 -3.87 4.01 4.36
CA ARG A 8 -2.42 4.07 4.55
C ARG A 8 -1.87 2.85 5.30
N CYS A 9 -0.54 2.70 5.37
CA CYS A 9 0.10 1.60 6.09
C CYS A 9 1.45 2.02 6.72
N PRO A 10 1.91 1.31 7.78
CA PRO A 10 3.08 1.71 8.57
C PRO A 10 4.41 1.39 7.87
N SER A 11 5.54 1.74 8.50
CA SER A 11 6.91 1.43 8.05
C SER A 11 7.30 1.99 6.68
N GLY A 12 6.62 3.05 6.27
CA GLY A 12 6.65 3.60 4.91
C GLY A 12 6.21 2.58 3.85
N MET A 13 5.16 1.80 4.12
CA MET A 13 4.40 1.11 3.08
C MET A 13 3.60 2.11 2.25
N CYS A 14 3.03 1.62 1.15
CA CYS A 14 2.26 2.37 0.16
C CYS A 14 1.06 1.55 -0.32
N CYS A 15 0.02 2.24 -0.80
CA CYS A 15 -1.27 1.67 -1.17
C CYS A 15 -1.37 1.33 -2.67
N SER A 16 -1.65 0.06 -3.01
CA SER A 16 -2.04 -0.30 -4.39
C SER A 16 -3.46 0.18 -4.70
N GLN A 17 -3.71 0.44 -5.99
CA GLN A 17 -5.01 0.82 -6.56
C GLN A 17 -6.13 -0.20 -6.32
C1 NAL A 18 -4.00 -3.79 -7.16
C2 NAL A 18 -5.39 -3.95 -7.06
C3 NAL A 18 -6.16 -4.09 -8.24
C4 NAL A 18 -5.54 -4.06 -9.51
C4A NAL A 18 -4.16 -3.86 -9.60
C5 NAL A 18 -3.53 -3.76 -10.86
C6 NAL A 18 -2.15 -3.53 -10.95
C7 NAL A 18 -1.39 -3.39 -9.78
C8 NAL A 18 -2.00 -3.49 -8.52
C8A NAL A 18 -3.38 -3.73 -8.42
C9 NAL A 18 -6.07 -3.84 -5.71
CA NAL A 18 -6.73 -2.48 -5.49
C NAL A 18 -7.20 -2.32 -4.02
N NAL A 18 -5.79 -1.42 -5.89
O NAL A 18 -7.96 -3.15 -3.54
H1 NAL A 18 -3.44 -3.72 -6.33
H3 NAL A 18 -7.15 -4.22 -8.17
H4 NAL A 18 -6.09 -4.16 -10.33
H5 NAL A 18 -4.08 -3.86 -11.70
H6 NAL A 18 -1.71 -3.47 -11.84
H7 NAL A 18 -0.41 -3.22 -9.84
H8 NAL A 18 -1.45 -3.38 -7.68
H91 NAL A 18 -5.32 -4.02 -4.93
H92 NAL A 18 -6.82 -4.62 -5.63
HA NAL A 18 -7.61 -2.41 -6.12
H NAL A 18 -4.80 -1.62 -5.78
N GLY A 19 -6.73 -1.29 -3.31
CA GLY A 19 -7.07 -1.04 -1.91
C GLY A 19 -6.26 -1.90 -0.93
N TYR A 20 -5.13 -2.45 -1.36
CA TYR A 20 -4.23 -3.32 -0.58
C TYR A 20 -2.83 -2.69 -0.52
N CYS A 21 -2.31 -2.44 0.69
CA CYS A 21 -0.98 -1.84 0.83
C CYS A 21 0.16 -2.86 0.77
N GLY A 22 1.38 -2.36 0.58
CA GLY A 22 2.63 -3.11 0.40
C GLY A 22 3.80 -2.15 0.17
N LYS A 23 4.83 -2.60 -0.56
CA LYS A 23 5.98 -1.77 -0.99
C LYS A 23 6.33 -2.08 -2.45
N GLY A 24 6.98 -1.14 -3.13
CA GLY A 24 7.57 -1.36 -4.46
C GLY A 24 6.69 -0.89 -5.64
N PRO A 25 7.05 -1.30 -6.88
CA PRO A 25 6.54 -0.71 -8.13
C PRO A 25 5.07 -1.02 -8.47
N LYS A 26 4.32 -1.69 -7.59
CA LYS A 26 2.89 -2.01 -7.71
C LYS A 26 2.06 -1.49 -6.52
N TYR A 27 2.70 -0.75 -5.61
CA TYR A 27 2.11 -0.13 -4.41
C TYR A 27 2.51 1.34 -4.26
N CYS A 28 3.79 1.65 -4.48
CA CYS A 28 4.33 3.00 -4.57
C CYS A 28 4.27 3.43 -6.04
N GLY A 29 4.95 2.68 -6.92
CA GLY A 29 4.63 2.65 -8.35
C GLY A 29 3.26 2.03 -8.59
N ARG A 30 2.74 2.15 -9.82
CA ARG A 30 1.37 1.77 -10.17
C ARG A 30 1.33 0.48 -10.98
N VAL A 1 -3.23 -3.65 5.61
CA VAL A 1 -2.25 -4.12 4.60
C VAL A 1 -2.99 -4.80 3.46
N GLY A 2 -3.59 -5.95 3.73
CA GLY A 2 -4.98 -6.17 3.32
C GLY A 2 -5.80 -4.97 3.81
N GLU A 3 -6.32 -4.19 2.86
CA GLU A 3 -6.79 -2.81 3.00
C GLU A 3 -5.66 -1.80 3.25
N CYS A 4 -5.63 -0.69 2.51
CA CYS A 4 -5.06 0.56 2.98
C CYS A 4 -5.81 1.00 4.25
N VAL A 5 -5.21 0.77 5.42
CA VAL A 5 -5.80 0.78 6.76
C VAL A 5 -6.46 2.14 7.06
N ARG A 6 -7.78 2.24 6.86
CA ARG A 6 -8.52 3.52 6.83
C ARG A 6 -7.83 4.58 5.94
N GLY A 7 -7.13 4.14 4.88
CA GLY A 7 -6.34 4.94 3.94
C GLY A 7 -4.83 5.05 4.27
N ARG A 8 -4.33 4.49 5.37
CA ARG A 8 -2.90 4.49 5.74
C ARG A 8 -2.21 3.16 5.36
N CYS A 9 -0.88 3.15 5.38
CA CYS A 9 -0.06 1.95 5.17
C CYS A 9 1.18 1.95 6.09
N PRO A 10 1.45 0.84 6.81
CA PRO A 10 2.53 0.78 7.81
C PRO A 10 3.91 0.55 7.17
N SER A 11 4.99 0.70 7.96
CA SER A 11 6.38 0.42 7.56
C SER A 11 6.87 1.13 6.29
N GLY A 12 6.29 2.30 6.04
CA GLY A 12 6.43 3.06 4.80
C GLY A 12 6.06 2.25 3.55
N MET A 13 5.05 1.37 3.63
CA MET A 13 4.37 0.83 2.46
C MET A 13 3.56 1.93 1.76
N CYS A 14 3.11 1.62 0.55
CA CYS A 14 2.38 2.48 -0.37
C CYS A 14 1.00 1.88 -0.62
N CYS A 15 -0.05 2.72 -0.58
CA CYS A 15 -1.40 2.31 -0.94
C CYS A 15 -1.55 2.19 -2.47
N SER A 16 -2.23 1.14 -2.92
CA SER A 16 -2.35 0.78 -4.33
C SER A 16 -3.79 0.80 -4.86
N GLN A 17 -3.95 0.80 -6.20
CA GLN A 17 -5.24 0.79 -6.91
C GLN A 17 -6.11 -0.42 -6.55
C1 NAL A 18 -3.01 -3.20 -7.00
C2 NAL A 18 -4.24 -3.90 -6.89
C3 NAL A 18 -4.76 -4.52 -8.03
C4 NAL A 18 -4.10 -4.45 -9.27
C4A NAL A 18 -2.91 -3.70 -9.39
C5 NAL A 18 -2.26 -3.55 -10.62
C6 NAL A 18 -1.11 -2.75 -10.74
C7 NAL A 18 -0.58 -2.11 -9.60
C8 NAL A 18 -1.21 -2.28 -8.35
C8A NAL A 18 -2.36 -3.07 -8.23
C9 NAL A 18 -5.03 -3.84 -5.59
CA NAL A 18 -6.09 -2.73 -5.58
C NAL A 18 -6.71 -2.54 -4.18
N NAL A 18 -5.48 -1.50 -6.09
O NAL A 18 -7.23 -3.49 -3.60
H1 NAL A 18 -2.61 -2.80 -6.17
H3 NAL A 18 -5.62 -5.03 -7.96
H4 NAL A 18 -4.48 -4.92 -10.08
H5 NAL A 18 -2.63 -4.01 -11.43
H6 NAL A 18 -0.65 -2.66 -11.62
H7 NAL A 18 0.23 -1.53 -9.68
H8 NAL A 18 -0.84 -1.82 -7.54
H91 NAL A 18 -4.33 -3.68 -4.76
H92 NAL A 18 -5.52 -4.80 -5.43
HA NAL A 18 -6.90 -3.02 -6.25
H NAL A 18 -4.47 -1.45 -6.06
N GLY A 19 -6.64 -1.32 -3.61
CA GLY A 19 -7.14 -0.98 -2.28
C GLY A 19 -6.24 -1.47 -1.14
N TYR A 20 -5.03 -1.95 -1.46
CA TYR A 20 -4.13 -2.68 -0.55
C TYR A 20 -2.79 -1.96 -0.44
N CYS A 21 -2.08 -2.21 0.68
CA CYS A 21 -0.71 -1.77 0.89
C CYS A 21 0.29 -2.77 0.33
N GLY A 22 1.49 -2.28 0.02
CA GLY A 22 2.71 -3.06 -0.12
C GLY A 22 3.91 -2.14 -0.35
N LYS A 23 5.10 -2.70 -0.62
CA LYS A 23 6.32 -1.90 -0.81
C LYS A 23 6.97 -2.21 -2.16
N GLY A 24 7.65 -1.23 -2.75
CA GLY A 24 8.19 -1.31 -4.11
C GLY A 24 7.15 -0.96 -5.20
N PRO A 25 7.56 -0.99 -6.49
CA PRO A 25 6.78 -0.42 -7.59
C PRO A 25 5.44 -1.13 -7.86
N LYS A 26 5.27 -2.37 -7.40
CA LYS A 26 3.98 -3.10 -7.39
C LYS A 26 2.87 -2.35 -6.65
N TYR A 27 3.24 -1.41 -5.77
CA TYR A 27 2.33 -0.68 -4.88
C TYR A 27 2.61 0.82 -4.90
N CYS A 28 3.89 1.23 -4.88
CA CYS A 28 4.30 2.63 -5.08
C CYS A 28 4.09 3.13 -6.52
N GLY A 29 3.83 2.24 -7.48
CA GLY A 29 3.28 2.60 -8.80
C GLY A 29 1.78 2.88 -8.78
N ARG A 30 1.12 2.76 -7.62
CA ARG A 30 -0.31 2.86 -7.33
C ARG A 30 -1.15 1.83 -8.09
N VAL A 1 -2.30 -5.42 2.00
CA VAL A 1 -3.23 -6.49 1.56
C VAL A 1 -4.46 -6.45 2.46
N GLY A 2 -5.63 -6.86 1.97
CA GLY A 2 -6.90 -6.77 2.70
C GLY A 2 -7.51 -5.37 2.68
N GLU A 3 -6.69 -4.34 2.95
CA GLU A 3 -7.07 -2.93 2.90
C GLU A 3 -5.83 -2.02 2.74
N CYS A 4 -6.07 -0.73 2.46
CA CYS A 4 -5.35 0.42 3.02
C CYS A 4 -6.23 1.01 4.13
N VAL A 5 -5.81 0.85 5.38
CA VAL A 5 -6.56 1.09 6.63
C VAL A 5 -7.16 2.49 6.64
N ARG A 6 -8.44 2.58 6.26
CA ARG A 6 -9.20 3.82 6.01
C ARG A 6 -8.47 4.82 5.10
N GLY A 7 -7.59 4.31 4.23
CA GLY A 7 -6.73 5.06 3.31
C GLY A 7 -5.23 5.03 3.66
N ARG A 8 -4.83 4.56 4.85
CA ARG A 8 -3.42 4.55 5.29
C ARG A 8 -2.77 3.16 5.17
N CYS A 9 -1.46 3.12 5.37
CA CYS A 9 -0.67 1.90 5.48
C CYS A 9 0.34 2.01 6.64
N PRO A 10 0.97 0.90 7.06
CA PRO A 10 2.10 0.91 8.01
C PRO A 10 3.19 1.91 7.61
N SER A 11 3.84 2.53 8.61
CA SER A 11 4.83 3.60 8.43
C SER A 11 6.11 3.11 7.72
N GLY A 12 6.04 3.04 6.39
CA GLY A 12 7.08 2.51 5.49
C GLY A 12 6.52 1.71 4.30
N MET A 13 5.25 1.28 4.37
CA MET A 13 4.51 0.71 3.23
C MET A 13 3.96 1.82 2.30
N CYS A 14 3.32 1.41 1.20
CA CYS A 14 2.54 2.21 0.28
C CYS A 14 1.14 1.60 0.09
N CYS A 15 0.20 2.39 -0.46
CA CYS A 15 -1.15 1.95 -0.81
C CYS A 15 -1.28 1.72 -2.32
N SER A 16 -1.59 0.48 -2.73
CA SER A 16 -1.64 0.10 -4.15
C SER A 16 -2.81 0.67 -4.92
N GLN A 17 -2.68 0.53 -6.24
CA GLN A 17 -3.72 0.64 -7.28
C GLN A 17 -4.97 -0.22 -7.04
C1 NAL A 18 -3.36 -4.14 -6.50
C2 NAL A 18 -4.73 -3.89 -6.71
C3 NAL A 18 -5.29 -4.05 -7.99
C4 NAL A 18 -4.49 -4.47 -9.07
C4A NAL A 18 -3.13 -4.74 -8.87
C5 NAL A 18 -2.32 -5.17 -9.94
C6 NAL A 18 -0.97 -5.47 -9.72
C7 NAL A 18 -0.41 -5.32 -8.43
C8 NAL A 18 -1.19 -4.84 -7.37
C8A NAL A 18 -2.56 -4.57 -7.58
C9 NAL A 18 -5.59 -3.43 -5.55
CA NAL A 18 -6.08 -1.98 -5.66
C NAL A 18 -6.75 -1.54 -4.33
N NAL A 18 -4.96 -1.12 -6.04
O NAL A 18 -7.66 -2.20 -3.88
H1 NAL A 18 -2.96 -4.01 -5.60
H3 NAL A 18 -6.26 -3.86 -8.13
H4 NAL A 18 -4.89 -4.58 -9.98
H5 NAL A 18 -2.71 -5.25 -10.86
H6 NAL A 18 -0.40 -5.80 -10.48
H7 NAL A 18 0.54 -5.55 -8.28
H8 NAL A 18 -0.79 -4.70 -6.48
H91 NAL A 18 -5.02 -3.54 -4.63
H92 NAL A 18 -6.46 -4.08 -5.48
HA NAL A 18 -6.86 -1.93 -6.43
H NAL A 18 -4.11 -1.20 -5.49
N GLY A 19 -6.26 -0.47 -3.69
CA GLY A 19 -6.72 -0.08 -2.35
C GLY A 19 -6.24 -1.03 -1.24
N TYR A 20 -5.13 -1.74 -1.48
CA TYR A 20 -4.46 -2.69 -0.59
C TYR A 20 -3.01 -2.24 -0.32
N CYS A 21 -2.55 -2.27 0.94
CA CYS A 21 -1.15 -1.93 1.27
C CYS A 21 -0.11 -2.93 0.71
N GLY A 22 1.13 -2.45 0.53
CA GLY A 22 2.32 -3.24 0.21
C GLY A 22 3.54 -2.34 -0.07
N LYS A 23 4.57 -2.86 -0.75
CA LYS A 23 5.72 -2.06 -1.23
C LYS A 23 6.18 -2.51 -2.62
N GLY A 24 7.13 -1.78 -3.20
CA GLY A 24 7.49 -1.86 -4.62
C GLY A 24 6.53 -1.05 -5.51
N PRO A 25 6.85 -0.86 -6.80
CA PRO A 25 6.09 0.03 -7.69
C PRO A 25 4.63 -0.42 -7.83
N LYS A 26 4.39 -1.73 -7.86
CA LYS A 26 3.07 -2.37 -7.90
C LYS A 26 2.13 -1.95 -6.76
N TYR A 27 2.69 -1.50 -5.63
CA TYR A 27 1.96 -1.03 -4.46
C TYR A 27 2.19 0.46 -4.16
N CYS A 28 3.03 1.16 -4.94
CA CYS A 28 3.39 2.56 -4.71
C CYS A 28 3.18 3.48 -5.93
N GLY A 29 2.79 2.94 -7.09
CA GLY A 29 2.44 3.73 -8.28
C GLY A 29 1.82 2.94 -9.45
N ARG A 30 2.42 1.82 -9.88
CA ARG A 30 2.07 1.11 -11.11
C ARG A 30 2.38 -0.38 -11.05
N VAL A 1 -0.40 -6.43 -0.08
CA VAL A 1 -1.64 -6.95 0.58
C VAL A 1 -1.69 -6.48 2.02
N GLY A 2 -2.88 -6.54 2.63
CA GLY A 2 -3.24 -5.63 3.71
C GLY A 2 -3.82 -4.35 3.10
N GLU A 3 -5.12 -4.12 3.33
CA GLU A 3 -5.83 -2.87 3.03
C GLU A 3 -4.99 -1.63 3.39
N CYS A 4 -5.08 -0.56 2.60
CA CYS A 4 -4.73 0.78 3.09
C CYS A 4 -5.74 1.17 4.19
N VAL A 5 -5.42 0.84 5.45
CA VAL A 5 -6.30 0.71 6.61
C VAL A 5 -7.10 2.00 6.85
N ARG A 6 -8.31 2.05 6.28
CA ARG A 6 -9.14 3.26 6.14
C ARG A 6 -8.35 4.48 5.64
N GLY A 7 -7.41 4.25 4.72
CA GLY A 7 -6.65 5.24 3.95
C GLY A 7 -5.11 5.23 4.10
N ARG A 8 -4.51 4.43 4.99
CA ARG A 8 -3.08 4.52 5.34
C ARG A 8 -2.34 3.17 5.37
N CYS A 9 -1.01 3.21 5.42
CA CYS A 9 -0.13 2.05 5.49
C CYS A 9 0.92 2.23 6.60
N PRO A 10 1.58 1.14 7.06
CA PRO A 10 2.73 1.20 7.96
C PRO A 10 3.86 2.09 7.43
N SER A 11 4.68 2.61 8.35
CA SER A 11 5.75 3.59 8.12
C SER A 11 6.71 3.23 6.99
N GLY A 12 6.45 3.78 5.79
CA GLY A 12 7.26 3.59 4.58
C GLY A 12 6.71 2.56 3.59
N MET A 13 5.65 1.81 3.93
CA MET A 13 4.90 1.02 2.95
C MET A 13 3.96 1.94 2.15
N CYS A 14 3.51 1.43 1.00
CA CYS A 14 2.96 2.23 -0.09
C CYS A 14 1.57 1.71 -0.48
N CYS A 15 0.56 2.57 -0.38
CA CYS A 15 -0.81 2.27 -0.78
C CYS A 15 -0.92 2.19 -2.31
N SER A 16 -1.08 0.98 -2.84
CA SER A 16 -1.35 0.78 -4.27
C SER A 16 -2.78 1.18 -4.65
N GLN A 17 -2.99 1.50 -5.94
CA GLN A 17 -4.25 1.94 -6.54
C GLN A 17 -5.42 0.96 -6.36
C1 NAL A 18 -3.23 -2.53 -7.31
C2 NAL A 18 -4.60 -2.86 -7.23
C3 NAL A 18 -5.28 -3.26 -8.40
C4 NAL A 18 -4.60 -3.34 -9.63
C4A NAL A 18 -3.24 -3.01 -9.71
C5 NAL A 18 -2.56 -3.05 -10.94
C6 NAL A 18 -1.20 -2.73 -11.00
C7 NAL A 18 -0.52 -2.32 -9.85
C8 NAL A 18 -1.20 -2.24 -8.62
C8A NAL A 18 -2.56 -2.60 -8.55
C9 NAL A 18 -5.34 -2.72 -5.91
CA NAL A 18 -6.06 -1.37 -5.73
C NAL A 18 -6.66 -1.25 -4.32
N NAL A 18 -5.11 -0.30 -6.03
O NAL A 18 -7.55 -2.03 -3.98
H1 NAL A 18 -2.74 -2.26 -6.49
H3 NAL A 18 -6.25 -3.51 -8.34
H4 NAL A 18 -5.10 -3.64 -10.45
H5 NAL A 18 -3.05 -3.33 -11.77
H6 NAL A 18 -0.71 -2.79 -11.88
H7 NAL A 18 0.46 -2.08 -9.90
H8 NAL A 18 -0.72 -1.93 -7.80
H91 NAL A 18 -4.63 -2.84 -5.09
H92 NAL A 18 -6.07 -3.52 -5.83
HA NAL A 18 -6.88 -1.32 -6.45
H NAL A 18 -4.12 -0.50 -5.95
N GLY A 19 -6.17 -0.33 -3.47
CA GLY A 19 -6.60 -0.16 -2.09
C GLY A 19 -5.77 -0.97 -1.08
N TYR A 20 -4.59 -1.45 -1.47
CA TYR A 20 -3.75 -2.36 -0.68
C TYR A 20 -2.30 -1.86 -0.57
N CYS A 21 -1.75 -1.96 0.64
CA CYS A 21 -0.38 -1.61 0.99
C CYS A 21 0.64 -2.63 0.43
N GLY A 22 1.89 -2.18 0.28
CA GLY A 22 3.03 -3.04 0.00
C GLY A 22 4.32 -2.26 -0.22
N LYS A 23 5.31 -2.94 -0.81
CA LYS A 23 6.60 -2.41 -1.28
C LYS A 23 6.96 -3.10 -2.60
N GLY A 24 7.99 -2.64 -3.31
CA GLY A 24 8.36 -3.18 -4.62
C GLY A 24 7.39 -2.81 -5.75
N PRO A 25 7.56 -3.40 -6.95
CA PRO A 25 7.00 -2.88 -8.19
C PRO A 25 5.48 -2.74 -8.21
N LYS A 26 4.74 -3.71 -7.64
CA LYS A 26 3.28 -3.68 -7.62
C LYS A 26 2.66 -2.64 -6.66
N TYR A 27 3.47 -1.91 -5.89
CA TYR A 27 2.99 -1.04 -4.82
C TYR A 27 3.72 0.30 -4.70
N CYS A 28 5.03 0.34 -4.99
CA CYS A 28 5.88 1.50 -4.77
C CYS A 28 7.01 1.69 -5.80
N GLY A 29 7.12 0.80 -6.81
CA GLY A 29 8.32 0.68 -7.64
C GLY A 29 9.44 -0.03 -6.87
N ARG A 30 9.88 0.55 -5.75
CA ARG A 30 10.93 0.05 -4.85
C ARG A 30 10.36 -0.23 -3.46
N VAL A 1 -6.45 -8.71 1.83
CA VAL A 1 -5.10 -8.73 2.45
C VAL A 1 -4.88 -7.42 3.24
N GLY A 2 -3.65 -6.95 3.44
CA GLY A 2 -3.33 -5.74 4.20
C GLY A 2 -3.79 -4.45 3.51
N GLU A 3 -5.08 -4.10 3.66
CA GLU A 3 -5.69 -2.87 3.12
C GLU A 3 -4.95 -1.59 3.53
N CYS A 4 -5.10 -0.54 2.70
CA CYS A 4 -4.80 0.83 3.11
C CYS A 4 -5.85 1.28 4.13
N VAL A 5 -5.53 1.15 5.43
CA VAL A 5 -6.47 1.14 6.56
C VAL A 5 -7.20 2.48 6.69
N ARG A 6 -8.35 2.59 6.01
CA ARG A 6 -9.09 3.85 5.75
C ARG A 6 -8.24 4.90 5.00
N GLY A 7 -7.26 4.46 4.22
CA GLY A 7 -6.54 5.26 3.22
C GLY A 7 -5.01 5.22 3.27
N ARG A 8 -4.40 4.72 4.35
CA ARG A 8 -2.95 4.77 4.60
C ARG A 8 -2.34 3.44 5.01
N CYS A 9 -1.00 3.38 5.06
CA CYS A 9 -0.19 2.20 5.29
C CYS A 9 0.83 2.44 6.42
N PRO A 10 1.39 1.37 7.03
CA PRO A 10 2.37 1.51 8.10
C PRO A 10 3.72 2.05 7.60
N SER A 11 4.51 2.59 8.53
CA SER A 11 5.81 3.22 8.29
C SER A 11 6.83 2.26 7.67
N GLY A 12 6.89 2.25 6.34
CA GLY A 12 7.73 1.34 5.53
C GLY A 12 6.98 0.72 4.34
N MET A 13 5.64 0.78 4.32
CA MET A 13 4.81 0.33 3.19
C MET A 13 4.11 1.52 2.51
N CYS A 14 3.60 1.28 1.31
CA CYS A 14 2.93 2.26 0.45
C CYS A 14 1.62 1.68 -0.08
N CYS A 15 0.62 2.55 -0.31
CA CYS A 15 -0.70 2.14 -0.79
C CYS A 15 -0.72 1.94 -2.31
N SER A 16 -1.55 1.02 -2.79
CA SER A 16 -1.78 0.75 -4.21
C SER A 16 -3.22 0.98 -4.66
N GLN A 17 -3.43 1.10 -5.97
CA GLN A 17 -4.73 1.27 -6.63
C GLN A 17 -5.71 0.12 -6.36
C1 NAL A 18 -3.06 -3.16 -7.00
C2 NAL A 18 -4.38 -3.62 -6.86
C3 NAL A 18 -5.04 -4.20 -7.95
C4 NAL A 18 -4.40 -4.29 -9.20
C4A NAL A 18 -3.09 -3.79 -9.36
C5 NAL A 18 -2.44 -3.85 -10.62
C6 NAL A 18 -1.16 -3.33 -10.77
C7 NAL A 18 -0.50 -2.75 -9.68
C8 NAL A 18 -1.13 -2.69 -8.42
C8A NAL A 18 -2.42 -3.22 -8.26
C9 NAL A 18 -5.09 -3.44 -5.53
CA NAL A 18 -5.99 -2.19 -5.47
C NAL A 18 -6.60 -2.01 -4.06
N NAL A 18 -5.21 -1.03 -5.90
O NAL A 18 -7.29 -2.91 -3.60
H1 NAL A 18 -2.57 -2.78 -6.21
H3 NAL A 18 -5.97 -4.55 -7.85
H4 NAL A 18 -4.87 -4.72 -9.98
H5 NAL A 18 -2.92 -4.25 -11.40
H6 NAL A 18 -0.70 -3.38 -11.66
H7 NAL A 18 0.42 -2.36 -9.78
H8 NAL A 18 -0.67 -2.27 -7.64
H91 NAL A 18 -4.35 -3.39 -4.72
H92 NAL A 18 -5.71 -4.32 -5.34
HA NAL A 18 -6.82 -2.33 -6.17
H NAL A 18 -4.20 -1.07 -5.78
N GLY A 19 -6.32 -0.89 -3.38
CA GLY A 19 -6.74 -0.63 -2.00
C GLY A 19 -5.84 -1.29 -0.95
N TYR A 20 -4.67 -1.79 -1.35
CA TYR A 20 -3.79 -2.63 -0.53
C TYR A 20 -2.38 -2.04 -0.40
N CYS A 21 -1.78 -2.24 0.78
CA CYS A 21 -0.42 -1.80 1.10
C CYS A 21 0.64 -2.80 0.60
N GLY A 22 1.86 -2.30 0.40
CA GLY A 22 3.03 -3.12 0.08
C GLY A 22 4.27 -2.30 -0.25
N LYS A 23 5.27 -2.97 -0.86
CA LYS A 23 6.47 -2.38 -1.46
C LYS A 23 6.76 -3.03 -2.81
N GLY A 24 7.75 -2.48 -3.54
CA GLY A 24 8.01 -2.82 -4.94
C GLY A 24 7.10 -2.05 -5.93
N PRO A 25 7.25 -2.34 -7.25
CA PRO A 25 6.59 -1.62 -8.34
C PRO A 25 5.10 -1.35 -8.15
N LYS A 26 4.35 -2.39 -7.79
CA LYS A 26 2.90 -2.36 -7.55
C LYS A 26 2.42 -1.40 -6.44
N TYR A 27 3.32 -0.87 -5.60
CA TYR A 27 2.93 -0.14 -4.39
C TYR A 27 3.73 1.16 -4.19
N CYS A 28 5.02 1.18 -4.53
CA CYS A 28 5.89 2.33 -4.27
C CYS A 28 7.01 2.54 -5.31
N GLY A 29 7.01 1.81 -6.43
CA GLY A 29 8.17 1.71 -7.32
C GLY A 29 9.23 0.78 -6.73
N ARG A 30 9.71 1.08 -5.51
CA ARG A 30 10.53 0.21 -4.68
C ARG A 30 10.05 0.17 -3.23
N VAL A 1 0.01 -6.49 0.44
CA VAL A 1 -1.05 -7.03 1.34
C VAL A 1 -1.11 -6.22 2.63
N GLY A 2 -2.22 -6.34 3.37
CA GLY A 2 -2.65 -5.31 4.31
C GLY A 2 -3.46 -4.26 3.55
N GLU A 3 -4.78 -4.23 3.76
CA GLU A 3 -5.65 -3.19 3.21
C GLU A 3 -5.23 -1.78 3.67
N CYS A 4 -5.41 -0.76 2.83
CA CYS A 4 -5.01 0.61 3.15
C CYS A 4 -5.94 1.23 4.21
N VAL A 5 -5.57 1.11 5.49
CA VAL A 5 -6.37 1.38 6.70
C VAL A 5 -6.94 2.80 6.69
N ARG A 6 -8.13 2.91 6.10
CA ARG A 6 -8.81 4.13 5.63
C ARG A 6 -7.83 5.13 4.99
N GLY A 7 -6.89 4.60 4.20
CA GLY A 7 -5.82 5.28 3.47
C GLY A 7 -4.39 5.07 4.01
N ARG A 8 -4.19 4.52 5.21
CA ARG A 8 -2.88 4.34 5.84
C ARG A 8 -2.24 3.00 5.49
N CYS A 9 -0.92 2.88 5.64
CA CYS A 9 -0.16 1.66 5.43
C CYS A 9 0.95 1.50 6.49
N PRO A 10 1.49 0.28 6.68
CA PRO A 10 2.61 0.00 7.57
C PRO A 10 3.90 0.79 7.29
N SER A 11 4.85 0.74 8.23
CA SER A 11 6.14 1.42 8.25
C SER A 11 6.89 1.38 6.92
N GLY A 12 6.86 2.49 6.18
CA GLY A 12 7.58 2.66 4.91
C GLY A 12 6.90 2.01 3.69
N MET A 13 5.67 1.49 3.84
CA MET A 13 4.86 1.01 2.73
C MET A 13 4.08 2.15 2.05
N CYS A 14 3.55 1.86 0.87
CA CYS A 14 2.62 2.70 0.13
C CYS A 14 1.34 1.92 -0.19
N CYS A 15 0.21 2.62 -0.34
CA CYS A 15 -1.04 2.04 -0.83
C CYS A 15 -0.96 1.79 -2.35
N SER A 16 -1.75 0.83 -2.86
CA SER A 16 -1.88 0.55 -4.29
C SER A 16 -3.32 0.37 -4.78
N GLN A 17 -3.48 0.22 -6.10
CA GLN A 17 -4.71 0.55 -6.84
C GLN A 17 -5.95 -0.30 -6.47
C1 NAL A 18 -4.58 -4.32 -7.35
C2 NAL A 18 -5.92 -4.01 -7.09
C3 NAL A 18 -6.81 -3.82 -8.18
C4 NAL A 18 -6.35 -3.91 -9.50
C4A NAL A 18 -5.00 -4.21 -9.76
C5 NAL A 18 -4.52 -4.25 -11.08
C6 NAL A 18 -3.16 -4.53 -11.33
C7 NAL A 18 -2.29 -4.77 -10.25
C8 NAL A 18 -2.76 -4.69 -8.93
C8A NAL A 18 -4.12 -4.42 -8.67
C9 NAL A 18 -6.39 -3.79 -5.66
CA NAL A 18 -6.81 -2.34 -5.38
C NAL A 18 -7.18 -2.13 -3.90
N NAL A 18 -5.73 -1.45 -5.83
O NAL A 18 -7.98 -2.89 -3.35
H1 NAL A 18 -3.94 -4.47 -6.59
H3 NAL A 18 -7.77 -3.62 -7.99
H4 NAL A 18 -6.99 -3.77 -10.26
H5 NAL A 18 -5.14 -4.08 -11.85
H6 NAL A 18 -2.83 -4.59 -12.27
H7 NAL A 18 -1.33 -4.98 -10.43
H8 NAL A 18 -2.13 -4.83 -8.16
H91 NAL A 18 -5.60 -4.08 -4.98
H92 NAL A 18 -7.25 -4.45 -5.48
HA NAL A 18 -7.71 -2.13 -5.95
H NAL A 18 -4.78 -1.69 -5.64
N GLY A 19 -6.59 -1.12 -3.23
CA GLY A 19 -6.84 -0.81 -1.83
C GLY A 19 -5.90 -1.54 -0.87
N TYR A 20 -4.73 -1.99 -1.34
CA TYR A 20 -3.78 -2.78 -0.55
C TYR A 20 -2.36 -2.21 -0.59
N CYS A 21 -1.70 -2.26 0.58
CA CYS A 21 -0.37 -1.73 0.86
C CYS A 21 0.77 -2.64 0.38
N GLY A 22 1.96 -2.06 0.23
CA GLY A 22 3.20 -2.79 -0.01
C GLY A 22 4.41 -1.90 -0.31
N LYS A 23 5.50 -2.52 -0.80
CA LYS A 23 6.76 -1.89 -1.20
C LYS A 23 7.18 -2.34 -2.61
N GLY A 24 8.13 -1.62 -3.21
CA GLY A 24 8.58 -1.87 -4.57
C GLY A 24 7.63 -1.30 -5.65
N PRO A 25 7.95 -1.51 -6.95
CA PRO A 25 7.26 -0.88 -8.09
C PRO A 25 5.73 -1.02 -8.12
N LYS A 26 5.19 -2.15 -7.63
CA LYS A 26 3.74 -2.42 -7.58
C LYS A 26 2.98 -1.50 -6.60
N TYR A 27 3.68 -0.79 -5.71
CA TYR A 27 3.07 -0.03 -4.60
C TYR A 27 3.71 1.34 -4.40
N CYS A 28 5.05 1.40 -4.32
CA CYS A 28 5.80 2.46 -3.67
C CYS A 28 7.04 2.93 -4.44
N GLY A 29 7.37 2.27 -5.56
CA GLY A 29 8.65 2.40 -6.25
C GLY A 29 9.74 1.59 -5.54
N ARG A 30 10.03 1.98 -4.28
CA ARG A 30 10.85 1.23 -3.33
C ARG A 30 10.20 1.24 -1.93
N VAL A 1 -1.62 -5.79 -0.06
CA VAL A 1 -2.19 -6.83 0.81
C VAL A 1 -3.16 -6.21 1.81
N GLY A 2 -4.22 -6.93 2.18
CA GLY A 2 -5.17 -6.56 3.24
C GLY A 2 -6.07 -5.38 2.91
N GLU A 3 -5.52 -4.17 2.95
CA GLU A 3 -6.18 -2.88 2.75
C GLU A 3 -5.11 -1.78 2.64
N CYS A 4 -5.47 -0.58 2.14
CA CYS A 4 -4.91 0.67 2.64
C CYS A 4 -5.70 1.03 3.90
N VAL A 5 -5.16 0.74 5.10
CA VAL A 5 -5.88 0.64 6.37
C VAL A 5 -6.63 1.93 6.71
N ARG A 6 -7.92 2.02 6.34
CA ARG A 6 -8.71 3.25 6.27
C ARG A 6 -7.94 4.43 5.64
N GLY A 7 -7.10 4.13 4.64
CA GLY A 7 -6.20 5.05 3.93
C GLY A 7 -4.76 5.10 4.43
N ARG A 8 -4.39 4.39 5.52
CA ARG A 8 -3.03 4.35 6.05
C ARG A 8 -2.21 3.16 5.52
N CYS A 9 -0.91 3.18 5.84
CA CYS A 9 0.07 2.12 5.62
C CYS A 9 1.07 2.10 6.79
N PRO A 10 1.68 0.95 7.11
CA PRO A 10 2.86 0.86 7.99
C PRO A 10 4.06 1.67 7.48
N SER A 11 5.04 1.86 8.38
CA SER A 11 6.28 2.63 8.18
C SER A 11 7.00 2.29 6.88
N GLY A 12 6.93 3.19 5.89
CA GLY A 12 7.60 3.06 4.60
C GLY A 12 6.85 2.21 3.56
N MET A 13 5.63 1.74 3.87
CA MET A 13 4.73 1.10 2.91
C MET A 13 3.82 2.12 2.22
N CYS A 14 3.21 1.71 1.11
CA CYS A 14 2.55 2.57 0.13
C CYS A 14 1.17 2.04 -0.24
N CYS A 15 0.16 2.91 -0.25
CA CYS A 15 -1.18 2.57 -0.75
C CYS A 15 -1.18 2.50 -2.28
N SER A 16 -1.92 1.53 -2.84
CA SER A 16 -2.03 1.31 -4.27
C SER A 16 -3.47 1.48 -4.80
N GLN A 17 -3.58 1.64 -6.13
CA GLN A 17 -4.83 1.79 -6.88
C GLN A 17 -5.81 0.61 -6.70
C1 NAL A 18 -3.02 -2.53 -7.22
C2 NAL A 18 -4.33 -3.04 -7.20
C3 NAL A 18 -4.88 -3.59 -8.37
C4 NAL A 18 -4.12 -3.65 -9.56
C4A NAL A 18 -2.81 -3.13 -9.59
C5 NAL A 18 -2.03 -3.19 -10.76
C6 NAL A 18 -0.71 -2.69 -10.75
C7 NAL A 18 -0.18 -2.11 -9.59
C8 NAL A 18 -0.97 -2.04 -8.43
C8A NAL A 18 -2.27 -2.55 -8.42
C9 NAL A 18 -5.16 -2.94 -5.93
CA NAL A 18 -6.09 -1.73 -5.88
C NAL A 18 -6.79 -1.61 -4.50
N NAL A 18 -5.32 -0.53 -6.22
O NAL A 18 -7.43 -2.56 -4.07
H1 NAL A 18 -2.62 -2.16 -6.39
H3 NAL A 18 -5.81 -3.94 -8.37
H4 NAL A 18 -4.51 -4.04 -10.40
H5 NAL A 18 -2.41 -3.59 -11.59
H6 NAL A 18 -0.15 -2.75 -11.58
H7 NAL A 18 0.75 -1.76 -9.59
H8 NAL A 18 -0.59 -1.60 -7.61
H91 NAL A 18 -4.48 -2.90 -5.07
H92 NAL A 18 -5.76 -3.85 -5.84
HA NAL A 18 -6.88 -1.86 -6.62
H NAL A 18 -4.33 -0.55 -6.04
N GLY A 19 -6.63 -0.48 -3.78
CA GLY A 19 -7.16 -0.28 -2.44
C GLY A 19 -6.34 -1.00 -1.36
N TYR A 20 -5.10 -1.37 -1.68
CA TYR A 20 -4.23 -2.26 -0.90
C TYR A 20 -2.87 -1.60 -0.63
N CYS A 21 -2.38 -1.71 0.61
CA CYS A 21 -1.03 -1.30 1.00
C CYS A 21 0.03 -2.33 0.59
N GLY A 22 1.27 -1.88 0.32
CA GLY A 22 2.43 -2.74 0.11
C GLY A 22 3.70 -1.96 -0.27
N LYS A 23 4.71 -2.66 -0.84
CA LYS A 23 5.99 -2.08 -1.29
C LYS A 23 6.45 -2.65 -2.64
N GLY A 24 7.45 -2.01 -3.26
CA GLY A 24 8.00 -2.42 -4.56
C GLY A 24 7.05 -2.17 -5.74
N PRO A 25 7.41 -2.62 -6.95
CA PRO A 25 6.68 -2.31 -8.20
C PRO A 25 5.17 -2.53 -8.19
N LYS A 26 4.68 -3.53 -7.43
CA LYS A 26 3.25 -3.82 -7.29
C LYS A 26 2.45 -2.82 -6.44
N TYR A 27 3.10 -1.86 -5.78
CA TYR A 27 2.43 -0.91 -4.86
C TYR A 27 3.03 0.50 -4.87
N CYS A 28 4.35 0.62 -4.97
CA CYS A 28 5.09 1.87 -4.79
C CYS A 28 6.24 2.12 -5.80
N GLY A 29 6.79 1.06 -6.40
CA GLY A 29 8.12 1.09 -7.04
C GLY A 29 9.28 1.24 -6.04
N ARG A 30 8.99 1.20 -4.73
CA ARG A 30 9.87 1.64 -3.63
C ARG A 30 9.62 0.89 -2.31
N VAL A 1 -0.97 -6.50 -0.08
CA VAL A 1 -2.23 -7.16 0.32
C VAL A 1 -2.42 -6.98 1.81
N GLY A 2 -3.67 -6.71 2.21
CA GLY A 2 -3.95 -5.99 3.45
C GLY A 2 -4.27 -4.54 3.09
N GLU A 3 -5.51 -4.14 3.33
CA GLU A 3 -6.05 -2.78 3.16
C GLU A 3 -5.06 -1.66 3.55
N CYS A 4 -4.98 -0.61 2.72
CA CYS A 4 -4.46 0.68 3.16
C CYS A 4 -5.39 1.26 4.23
N VAL A 5 -5.06 1.06 5.52
CA VAL A 5 -5.94 1.12 6.69
C VAL A 5 -6.74 2.43 6.75
N ARG A 6 -7.96 2.41 6.20
CA ARG A 6 -8.80 3.59 5.87
C ARG A 6 -7.99 4.77 5.31
N GLY A 7 -6.94 4.47 4.53
CA GLY A 7 -5.98 5.37 3.89
C GLY A 7 -4.54 5.36 4.45
N ARG A 8 -4.22 4.61 5.52
CA ARG A 8 -2.85 4.49 6.06
C ARG A 8 -2.04 3.33 5.45
N CYS A 9 -0.74 3.33 5.71
CA CYS A 9 0.20 2.22 5.48
C CYS A 9 1.24 2.24 6.62
N PRO A 10 1.84 1.08 6.99
CA PRO A 10 3.00 1.01 7.89
C PRO A 10 4.22 1.80 7.41
N SER A 11 5.20 1.96 8.30
CA SER A 11 6.45 2.71 8.13
C SER A 11 7.19 2.42 6.82
N GLY A 12 7.03 3.29 5.83
CA GLY A 12 7.68 3.17 4.52
C GLY A 12 7.03 2.15 3.57
N MET A 13 5.83 1.66 3.88
CA MET A 13 4.98 0.97 2.91
C MET A 13 4.17 1.97 2.07
N CYS A 14 3.52 1.47 1.01
CA CYS A 14 2.82 2.24 -0.01
C CYS A 14 1.53 1.54 -0.45
N CYS A 15 0.64 2.27 -1.14
CA CYS A 15 -0.77 1.90 -1.32
C CYS A 15 -1.12 1.69 -2.80
N SER A 16 -1.43 0.45 -3.19
CA SER A 16 -1.84 0.08 -4.54
C SER A 16 -3.23 0.61 -4.93
N GLN A 17 -3.50 0.68 -6.24
CA GLN A 17 -4.77 1.08 -6.83
C GLN A 17 -5.98 0.22 -6.40
C1 NAL A 18 -4.21 -3.62 -6.88
C2 NAL A 18 -5.59 -3.68 -6.68
C3 NAL A 18 -6.44 -3.96 -7.77
C4 NAL A 18 -5.90 -4.17 -9.06
C4A NAL A 18 -4.51 -4.06 -9.26
C5 NAL A 18 -3.97 -4.21 -10.55
C6 NAL A 18 -2.58 -4.06 -10.75
C7 NAL A 18 -1.74 -3.77 -9.65
C8 NAL A 18 -2.28 -3.64 -8.36
C8A NAL A 18 -3.67 -3.79 -8.16
C9 NAL A 18 -6.18 -3.32 -5.33
CA NAL A 18 -6.73 -1.88 -5.29
C NAL A 18 -7.15 -1.50 -3.86
N NAL A 18 -5.73 -0.97 -5.85
O NAL A 18 -7.99 -2.18 -3.27
H1 NAL A 18 -3.60 -3.45 -6.09
H3 NAL A 18 -7.42 -4.02 -7.63
H4 NAL A 18 -6.51 -4.38 -9.83
H5 NAL A 18 -4.57 -4.40 -11.33
H6 NAL A 18 -2.20 -4.16 -11.67
H7 NAL A 18 -0.76 -3.66 -9.80
H8 NAL A 18 -1.68 -3.44 -7.59
H91 NAL A 18 -5.42 -3.44 -4.57
H92 NAL A 18 -6.99 -4.02 -5.10
HA NAL A 18 -7.63 -1.84 -5.92
H NAL A 18 -4.75 -1.26 -5.78
N GLY A 19 -6.56 -0.45 -3.27
CA GLY A 19 -6.74 -0.10 -1.87
C GLY A 19 -5.99 -1.03 -0.92
N TYR A 20 -5.01 -1.79 -1.42
CA TYR A 20 -4.17 -2.70 -0.64
C TYR A 20 -2.77 -2.12 -0.49
N CYS A 21 -2.28 -2.11 0.76
CA CYS A 21 -0.95 -1.68 1.14
C CYS A 21 0.08 -2.78 0.82
N GLY A 22 1.36 -2.38 0.73
CA GLY A 22 2.50 -3.25 0.47
C GLY A 22 3.77 -2.42 0.24
N LYS A 23 4.80 -3.01 -0.38
CA LYS A 23 6.05 -2.31 -0.71
C LYS A 23 6.53 -2.73 -2.11
N GLY A 24 7.32 -1.88 -2.75
CA GLY A 24 7.87 -2.14 -4.09
C GLY A 24 6.99 -1.64 -5.24
N PRO A 25 7.38 -1.92 -6.50
CA PRO A 25 6.80 -1.35 -7.71
C PRO A 25 5.27 -1.33 -7.76
N LYS A 26 4.62 -2.46 -7.45
CA LYS A 26 3.17 -2.62 -7.53
C LYS A 26 2.38 -1.92 -6.41
N TYR A 27 3.06 -1.23 -5.48
CA TYR A 27 2.46 -0.47 -4.38
C TYR A 27 2.94 0.98 -4.34
N CYS A 28 4.20 1.24 -4.68
CA CYS A 28 4.81 2.56 -4.72
C CYS A 28 4.73 3.20 -6.14
N GLY A 29 4.65 2.37 -7.18
CA GLY A 29 4.13 2.68 -8.51
C GLY A 29 2.74 2.04 -8.68
N ARG A 30 2.27 1.87 -9.92
CA ARG A 30 1.00 1.20 -10.27
C ARG A 30 1.25 -0.14 -10.97
N VAL A 1 -2.23 -4.67 2.80
CA VAL A 1 -2.81 -6.02 2.62
C VAL A 1 -4.00 -6.18 3.54
N GLY A 2 -5.04 -6.88 3.10
CA GLY A 2 -6.39 -6.76 3.66
C GLY A 2 -7.05 -5.44 3.24
N GLU A 3 -6.33 -4.33 3.39
CA GLU A 3 -6.72 -2.97 3.02
C GLU A 3 -5.47 -2.09 2.73
N CYS A 4 -5.71 -0.83 2.35
CA CYS A 4 -4.98 0.34 2.84
C CYS A 4 -5.77 0.93 3.99
N VAL A 5 -5.28 0.78 5.23
CA VAL A 5 -6.01 0.97 6.49
C VAL A 5 -6.63 2.36 6.57
N ARG A 6 -7.92 2.46 6.22
CA ARG A 6 -8.66 3.70 5.96
C ARG A 6 -7.81 4.73 5.20
N GLY A 7 -7.06 4.26 4.20
CA GLY A 7 -6.20 5.03 3.31
C GLY A 7 -4.69 4.95 3.58
N ARG A 8 -4.22 4.41 4.71
CA ARG A 8 -2.81 4.48 5.14
C ARG A 8 -2.12 3.11 5.25
N CYS A 9 -0.79 3.13 5.37
CA CYS A 9 0.06 1.95 5.43
C CYS A 9 1.06 2.01 6.61
N PRO A 10 1.68 0.89 7.00
CA PRO A 10 2.86 0.84 7.86
C PRO A 10 4.02 1.73 7.38
N SER A 11 4.93 2.04 8.32
CA SER A 11 6.10 2.89 8.17
C SER A 11 6.97 2.54 6.95
N GLY A 12 6.80 3.29 5.85
CA GLY A 12 7.58 3.12 4.63
C GLY A 12 6.95 2.21 3.57
N MET A 13 5.74 1.66 3.81
CA MET A 13 4.94 1.02 2.77
C MET A 13 4.22 2.06 1.86
N CYS A 14 3.59 1.57 0.80
CA CYS A 14 2.78 2.32 -0.16
C CYS A 14 1.42 1.64 -0.39
N CYS A 15 0.44 2.40 -0.91
CA CYS A 15 -0.95 1.97 -1.11
C CYS A 15 -1.25 1.79 -2.60
N SER A 16 -1.52 0.55 -3.02
CA SER A 16 -1.86 0.26 -4.41
C SER A 16 -3.22 0.84 -4.83
N GLN A 17 -3.36 1.10 -6.13
CA GLN A 17 -4.64 1.42 -6.78
C GLN A 17 -5.71 0.33 -6.65
C1 NAL A 18 -3.36 -3.11 -7.60
C2 NAL A 18 -4.75 -3.30 -7.57
C3 NAL A 18 -5.47 -3.32 -8.78
C4 NAL A 18 -4.81 -3.12 -10.01
C4A NAL A 18 -3.43 -2.85 -10.04
C5 NAL A 18 -2.77 -2.54 -11.25
C6 NAL A 18 -1.40 -2.20 -11.24
C7 NAL A 18 -0.70 -2.17 -10.02
C8 NAL A 18 -1.34 -2.51 -8.81
C8A NAL A 18 -2.71 -2.85 -8.82
C9 NAL A 18 -5.47 -3.33 -6.23
CA NAL A 18 -6.21 -2.00 -5.92
C NAL A 18 -6.74 -1.97 -4.48
N NAL A 18 -5.31 -0.89 -6.23
O NAL A 18 -7.47 -2.87 -4.08
H1 NAL A 18 -2.83 -3.17 -6.75
H3 NAL A 18 -6.45 -3.49 -8.77
H4 NAL A 18 -5.33 -3.16 -10.87
H5 NAL A 18 -3.27 -2.57 -12.10
H6 NAL A 18 -0.94 -1.98 -12.09
H7 NAL A 18 0.27 -1.91 -10.01
H8 NAL A 18 -0.83 -2.50 -7.95
H91 NAL A 18 -4.80 -3.50 -5.52
H92 NAL A 18 -6.14 -4.07 -6.24
HA NAL A 18 -7.07 -1.95 -6.59
H NAL A 18 -4.33 -1.02 -6.04
N GLY A 19 -6.41 -0.93 -3.69
CA GLY A 19 -6.93 -0.71 -2.34
C GLY A 19 -6.19 -1.50 -1.25
N TYR A 20 -4.98 -1.98 -1.55
CA TYR A 20 -4.13 -2.81 -0.68
C TYR A 20 -2.76 -2.14 -0.48
N CYS A 21 -2.33 -1.95 0.77
CA CYS A 21 -0.96 -1.55 1.08
C CYS A 21 0.06 -2.68 0.91
N GLY A 22 1.34 -2.32 0.74
CA GLY A 22 2.50 -3.20 0.67
C GLY A 22 3.76 -2.40 0.31
N LYS A 23 4.82 -3.03 -0.18
CA LYS A 23 6.02 -2.33 -0.66
C LYS A 23 6.55 -2.95 -1.96
N GLY A 24 7.06 -2.10 -2.85
CA GLY A 24 7.44 -2.45 -4.23
C GLY A 24 6.50 -1.81 -5.26
N PRO A 25 6.77 -1.99 -6.57
CA PRO A 25 6.03 -1.30 -7.64
C PRO A 25 4.53 -1.59 -7.61
N LYS A 26 4.15 -2.85 -7.30
CA LYS A 26 2.76 -3.29 -7.16
C LYS A 26 1.97 -2.57 -6.06
N TYR A 27 2.63 -1.77 -5.22
CA TYR A 27 2.03 -0.97 -4.16
C TYR A 27 2.34 0.52 -4.29
N CYS A 28 3.49 0.87 -4.85
CA CYS A 28 3.89 2.25 -5.11
C CYS A 28 3.38 2.79 -6.47
N GLY A 29 2.76 1.93 -7.31
CA GLY A 29 1.78 2.37 -8.31
C GLY A 29 1.78 1.66 -9.67
N ARG A 30 2.65 0.67 -9.92
CA ARG A 30 2.92 0.09 -11.25
C ARG A 30 2.58 -1.40 -11.33
N VAL A 1 -0.45 -6.83 0.45
CA VAL A 1 -1.53 -7.22 1.39
C VAL A 1 -1.19 -6.79 2.80
N GLY A 2 -2.17 -6.56 3.65
CA GLY A 2 -3.63 -6.50 3.44
C GLY A 2 -4.08 -5.24 2.69
N GLU A 3 -5.31 -4.78 2.99
CA GLU A 3 -5.81 -3.47 2.55
C GLU A 3 -4.84 -2.33 2.91
N CYS A 4 -5.03 -1.15 2.30
CA CYS A 4 -4.64 0.11 2.92
C CYS A 4 -5.50 0.31 4.17
N VAL A 5 -4.89 0.33 5.36
CA VAL A 5 -5.51 0.32 6.69
C VAL A 5 -6.45 1.52 6.85
N ARG A 6 -7.76 1.32 6.59
CA ARG A 6 -8.73 2.41 6.31
C ARG A 6 -8.14 3.50 5.39
N GLY A 7 -7.32 3.12 4.41
CA GLY A 7 -6.59 3.99 3.47
C GLY A 7 -5.14 4.33 3.83
N ARG A 8 -4.62 3.93 5.00
CA ARG A 8 -3.23 4.18 5.42
C ARG A 8 -2.28 3.01 5.08
N CYS A 9 -0.98 3.25 5.26
CA CYS A 9 0.08 2.24 5.37
C CYS A 9 1.07 2.68 6.47
N PRO A 10 1.84 1.75 7.07
CA PRO A 10 2.86 2.10 8.05
C PRO A 10 4.11 2.73 7.41
N SER A 11 4.92 3.39 8.23
CA SER A 11 6.11 4.18 7.89
C SER A 11 7.15 3.39 7.09
N GLY A 12 7.03 3.42 5.75
CA GLY A 12 7.92 2.75 4.80
C GLY A 12 7.21 1.84 3.80
N MET A 13 5.90 1.57 3.97
CA MET A 13 5.07 0.86 2.98
C MET A 13 4.26 1.84 2.11
N CYS A 14 3.64 1.33 1.05
CA CYS A 14 2.90 2.08 0.05
C CYS A 14 1.49 1.51 -0.16
N CYS A 15 0.50 2.42 -0.25
CA CYS A 15 -0.90 2.11 -0.53
C CYS A 15 -1.13 2.13 -2.05
N SER A 16 -1.49 0.98 -2.61
CA SER A 16 -1.79 0.87 -4.03
C SER A 16 -3.14 1.50 -4.42
N GLN A 17 -3.24 1.87 -5.70
CA GLN A 17 -4.46 2.30 -6.39
C GLN A 17 -5.59 1.25 -6.37
C1 NAL A 18 -3.31 -2.18 -7.50
C2 NAL A 18 -4.70 -2.36 -7.58
C3 NAL A 18 -5.33 -2.38 -8.83
C4 NAL A 18 -4.59 -2.22 -10.02
C4A NAL A 18 -3.19 -2.00 -9.94
C5 NAL A 18 -2.42 -1.79 -11.10
C6 NAL A 18 -1.05 -1.56 -11.01
C7 NAL A 18 -0.43 -1.50 -9.74
C8 NAL A 18 -1.19 -1.71 -8.58
C8A NAL A 18 -2.57 -1.97 -8.67
C9 NAL A 18 -5.51 -2.43 -6.29
CA NAL A 18 -6.21 -1.11 -5.91
C NAL A 18 -6.78 -1.19 -4.48
N NAL A 18 -5.26 -0.01 -6.07
O NAL A 18 -7.61 -2.06 -4.22
H1 NAL A 18 -2.85 -2.20 -6.61
H3 NAL A 18 -6.33 -2.52 -8.90
H4 NAL A 18 -5.04 -2.25 -10.91
H5 NAL A 18 -2.87 -1.82 -12.00
H6 NAL A 18 -0.51 -1.43 -11.84
H7 NAL A 18 0.55 -1.33 -9.68
H8 NAL A 18 -0.75 -1.64 -7.68
H91 NAL A 18 -4.86 -2.73 -5.48
H92 NAL A 18 -6.27 -3.21 -6.40
HA NAL A 18 -7.04 -0.95 -6.59
H NAL A 18 -4.29 -0.20 -5.89
N GLY A 19 -6.35 -0.32 -3.56
CA GLY A 19 -6.83 -0.28 -2.17
C GLY A 19 -6.07 -1.20 -1.21
N TYR A 20 -4.94 -1.77 -1.64
CA TYR A 20 -4.12 -2.71 -0.86
C TYR A 20 -2.73 -2.15 -0.56
N CYS A 21 -2.23 -2.40 0.64
CA CYS A 21 -0.94 -1.93 1.13
C CYS A 21 0.17 -2.95 0.80
N GLY A 22 1.42 -2.49 0.67
CA GLY A 22 2.57 -3.36 0.47
C GLY A 22 3.86 -2.58 0.25
N LYS A 23 4.87 -3.22 -0.35
CA LYS A 23 6.12 -2.57 -0.79
C LYS A 23 6.58 -3.16 -2.12
N GLY A 24 7.37 -2.39 -2.89
CA GLY A 24 7.76 -2.74 -4.26
C GLY A 24 6.72 -2.29 -5.30
N PRO A 25 6.98 -2.51 -6.60
CA PRO A 25 6.22 -1.90 -7.70
C PRO A 25 4.75 -2.32 -7.76
N LYS A 26 4.38 -3.47 -7.18
CA LYS A 26 2.99 -3.90 -7.00
C LYS A 26 2.15 -2.90 -6.18
N TYR A 27 2.80 -2.03 -5.38
CA TYR A 27 2.14 -1.15 -4.42
C TYR A 27 2.64 0.30 -4.49
N CYS A 28 3.93 0.48 -4.73
CA CYS A 28 4.56 1.78 -4.94
C CYS A 28 4.47 2.25 -6.41
N GLY A 29 4.08 1.37 -7.34
CA GLY A 29 3.74 1.74 -8.73
C GLY A 29 2.35 2.37 -8.79
N ARG A 30 2.20 3.52 -8.12
CA ARG A 30 0.94 4.20 -7.80
C ARG A 30 1.07 5.70 -8.03
N VAL A 1 -2.03 -2.84 5.49
CA VAL A 1 -1.61 -4.14 4.89
C VAL A 1 -2.79 -5.08 4.92
N GLY A 2 -2.97 -5.89 3.87
CA GLY A 2 -4.30 -6.10 3.33
C GLY A 2 -4.73 -4.77 2.70
N GLU A 3 -5.81 -4.15 3.19
CA GLU A 3 -6.18 -2.78 2.80
C GLU A 3 -5.08 -1.75 3.11
N CYS A 4 -5.15 -0.60 2.45
CA CYS A 4 -4.65 0.66 3.02
C CYS A 4 -5.51 0.98 4.25
N VAL A 5 -4.93 0.78 5.44
CA VAL A 5 -5.55 0.77 6.76
C VAL A 5 -6.37 2.04 6.97
N ARG A 6 -7.69 1.92 6.73
CA ARG A 6 -8.66 3.01 6.64
C ARG A 6 -8.12 4.23 5.86
N GLY A 7 -7.39 3.95 4.77
CA GLY A 7 -6.76 4.91 3.86
C GLY A 7 -5.24 5.04 3.98
N ARG A 8 -4.58 4.41 4.97
CA ARG A 8 -3.18 4.65 5.33
C ARG A 8 -2.27 3.42 5.22
N CYS A 9 -0.98 3.60 5.46
CA CYS A 9 0.03 2.53 5.48
C CYS A 9 1.00 2.73 6.66
N PRO A 10 1.60 1.64 7.19
CA PRO A 10 2.64 1.74 8.21
C PRO A 10 3.99 2.16 7.61
N SER A 11 4.93 2.49 8.50
CA SER A 11 6.24 3.09 8.21
C SER A 11 6.95 2.43 7.02
N GLY A 12 7.05 3.15 5.91
CA GLY A 12 7.77 2.74 4.71
C GLY A 12 6.95 1.95 3.69
N MET A 13 5.74 1.47 4.01
CA MET A 13 4.86 0.81 3.01
C MET A 13 4.21 1.84 2.07
N CYS A 14 3.55 1.36 1.01
CA CYS A 14 2.85 2.15 0.02
C CYS A 14 1.42 1.63 -0.22
N CYS A 15 0.50 2.55 -0.55
CA CYS A 15 -0.90 2.26 -0.86
C CYS A 15 -1.08 2.07 -2.37
N SER A 16 -1.44 0.85 -2.78
CA SER A 16 -1.58 0.48 -4.19
C SER A 16 -2.73 1.16 -4.91
N GLN A 17 -2.63 1.10 -6.23
CA GLN A 17 -3.66 1.29 -7.25
C GLN A 17 -4.95 0.45 -7.05
C1 NAL A 18 -3.63 -3.48 -6.85
C2 NAL A 18 -4.98 -3.13 -6.96
C3 NAL A 18 -5.60 -3.14 -8.23
C4 NAL A 18 -4.88 -3.51 -9.38
C4A NAL A 18 -3.53 -3.86 -9.27
C5 NAL A 18 -2.79 -4.22 -10.41
C6 NAL A 18 -1.44 -4.60 -10.28
C7 NAL A 18 -0.83 -4.60 -9.03
C8 NAL A 18 -1.55 -4.21 -7.88
C8A NAL A 18 -2.90 -3.86 -7.99
C9 NAL A 18 -5.76 -2.73 -5.73
CA NAL A 18 -6.17 -1.25 -5.68
C NAL A 18 -6.76 -0.90 -4.30
N NAL A 18 -5.01 -0.42 -6.04
O NAL A 18 -7.69 -1.56 -3.87
H1 NAL A 18 -3.18 -3.47 -5.96
H3 NAL A 18 -6.57 -2.89 -8.30
H4 NAL A 18 -5.33 -3.51 -10.28
H5 NAL A 18 -3.23 -4.21 -11.32
H6 NAL A 18 -0.92 -4.86 -11.10
H7 NAL A 18 0.13 -4.88 -8.94
H8 NAL A 18 -1.10 -4.19 -6.99
H91 NAL A 18 -5.17 -2.95 -4.85
H92 NAL A 18 -6.67 -3.34 -5.68
HA NAL A 18 -6.96 -1.09 -6.41
H NAL A 18 -4.19 -0.52 -5.45
N GLY A 19 -6.19 0.08 -3.58
CA GLY A 19 -6.58 0.37 -2.19
C GLY A 19 -6.05 -0.66 -1.18
N TYR A 20 -5.08 -1.50 -1.58
CA TYR A 20 -4.37 -2.45 -0.72
C TYR A 20 -2.95 -1.97 -0.47
N CYS A 21 -2.36 -2.30 0.68
CA CYS A 21 -1.10 -1.70 1.15
C CYS A 21 0.00 -2.74 1.30
N GLY A 22 1.19 -2.41 0.81
CA GLY A 22 2.35 -3.31 0.69
C GLY A 22 3.60 -2.55 0.22
N LYS A 23 4.55 -3.23 -0.44
CA LYS A 23 5.76 -2.60 -0.98
C LYS A 23 6.14 -3.21 -2.34
N GLY A 24 7.10 -2.58 -3.02
CA GLY A 24 7.44 -2.82 -4.43
C GLY A 24 6.61 -1.93 -5.36
N PRO A 25 6.94 -1.89 -6.67
CA PRO A 25 6.30 -0.97 -7.61
C PRO A 25 4.79 -1.22 -7.72
N LYS A 26 4.36 -2.49 -7.61
CA LYS A 26 2.97 -2.92 -7.63
C LYS A 26 2.08 -2.18 -6.62
N TYR A 27 2.67 -1.83 -5.47
CA TYR A 27 2.03 -1.11 -4.37
C TYR A 27 2.41 0.37 -4.27
N CYS A 28 3.47 0.81 -4.97
CA CYS A 28 3.99 2.17 -4.89
C CYS A 28 3.81 3.00 -6.17
N GLY A 29 3.30 2.42 -7.27
CA GLY A 29 2.75 3.18 -8.40
C GLY A 29 2.52 2.41 -9.71
N ARG A 30 3.11 1.22 -9.90
CA ARG A 30 3.00 0.48 -11.16
C ARG A 30 2.92 -1.04 -10.99
N VAL A 1 -5.21 -8.84 1.54
CA VAL A 1 -4.01 -8.78 2.41
C VAL A 1 -4.17 -7.59 3.37
N GLY A 2 -3.11 -6.90 3.80
CA GLY A 2 -3.19 -5.71 4.66
C GLY A 2 -3.83 -4.52 3.94
N GLU A 3 -5.15 -4.38 4.07
CA GLU A 3 -5.93 -3.25 3.53
C GLU A 3 -5.42 -1.88 4.03
N CYS A 4 -5.55 -0.85 3.19
CA CYS A 4 -5.12 0.51 3.52
C CYS A 4 -6.01 1.11 4.62
N VAL A 5 -5.51 1.18 5.85
CA VAL A 5 -6.21 1.54 7.09
C VAL A 5 -6.80 2.94 6.99
N ARG A 6 -8.05 3.00 6.52
CA ARG A 6 -8.77 4.18 6.01
C ARG A 6 -7.89 5.04 5.07
N GLY A 7 -7.03 4.38 4.30
CA GLY A 7 -6.05 4.95 3.37
C GLY A 7 -4.59 5.00 3.85
N ARG A 8 -4.28 4.72 5.14
CA ARG A 8 -2.90 4.65 5.64
C ARG A 8 -2.28 3.27 5.42
N CYS A 9 -0.95 3.21 5.46
CA CYS A 9 -0.17 1.97 5.43
C CYS A 9 1.02 2.07 6.41
N PRO A 10 1.29 1.04 7.25
CA PRO A 10 2.40 1.04 8.19
C PRO A 10 3.74 0.71 7.52
N SER A 11 4.82 0.73 8.33
CA SER A 11 6.18 0.28 8.00
C SER A 11 6.73 0.76 6.65
N GLY A 12 6.45 2.02 6.33
CA GLY A 12 6.82 2.68 5.08
C GLY A 12 6.31 1.95 3.83
N MET A 13 5.14 1.30 3.89
CA MET A 13 4.45 0.79 2.71
C MET A 13 3.60 1.87 2.05
N CYS A 14 3.20 1.60 0.81
CA CYS A 14 2.34 2.44 -0.02
C CYS A 14 0.99 1.73 -0.23
N CYS A 15 -0.10 2.51 -0.33
CA CYS A 15 -1.43 2.01 -0.64
C CYS A 15 -1.58 1.75 -2.16
N SER A 16 -1.69 0.48 -2.56
CA SER A 16 -1.86 0.12 -3.96
C SER A 16 -3.18 0.57 -4.57
N GLN A 17 -3.18 0.57 -5.91
CA GLN A 17 -4.33 0.58 -6.82
C GLN A 17 -5.39 -0.50 -6.57
C1 NAL A 18 -3.31 -4.10 -6.68
C2 NAL A 18 -4.71 -4.03 -6.62
C3 NAL A 18 -5.47 -4.15 -7.81
C4 NAL A 18 -4.83 -4.31 -9.06
C4A NAL A 18 -3.44 -4.38 -9.12
C5 NAL A 18 -2.79 -4.53 -10.36
C6 NAL A 18 -1.38 -4.60 -10.41
C7 NAL A 18 -0.63 -4.51 -9.23
C8 NAL A 18 -1.26 -4.33 -7.99
C8A NAL A 18 -2.67 -4.27 -7.92
C9 NAL A 18 -5.41 -3.81 -5.30
CA NAL A 18 -6.11 -2.45 -5.18
C NAL A 18 -6.66 -2.24 -3.75
N NAL A 18 -5.18 -1.40 -5.59
O NAL A 18 -7.42 -3.09 -3.27
H1 NAL A 18 -2.77 -4.02 -5.85
H3 NAL A 18 -6.47 -4.10 -7.76
H4 NAL A 18 -5.38 -4.39 -9.88
H5 NAL A 18 -3.32 -4.58 -11.20
H6 NAL A 18 -0.92 -4.71 -11.29
H7 NAL A 18 0.37 -4.57 -9.27
H8 NAL A 18 -0.73 -4.25 -7.15
H91 NAL A 18 -4.67 -3.90 -4.49
H92 NAL A 18 -6.14 -4.61 -5.16
HA NAL A 18 -6.97 -2.46 -5.86
H NAL A 18 -4.31 -1.34 -5.07
N GLY A 19 -6.30 -1.15 -3.07
CA GLY A 19 -6.72 -0.89 -1.68
C GLY A 19 -5.93 -1.65 -0.63
N TYR A 20 -4.77 -2.21 -1.00
CA TYR A 20 -3.90 -3.01 -0.14
C TYR A 20 -2.48 -2.42 -0.07
N CYS A 21 -1.86 -2.50 1.11
CA CYS A 21 -0.51 -1.99 1.36
C CYS A 21 0.59 -2.91 0.79
N GLY A 22 1.70 -2.30 0.35
CA GLY A 22 2.91 -3.00 -0.07
C GLY A 22 4.02 -2.04 -0.50
N LYS A 23 5.03 -2.52 -1.23
CA LYS A 23 6.18 -1.71 -1.67
C LYS A 23 6.47 -1.90 -3.17
N GLY A 24 7.30 -1.02 -3.73
CA GLY A 24 7.66 -1.00 -5.15
C GLY A 24 6.55 -0.44 -6.06
N PRO A 25 6.81 -0.29 -7.37
CA PRO A 25 5.90 0.31 -8.34
C PRO A 25 4.46 -0.20 -8.26
N LYS A 26 4.29 -1.53 -8.13
CA LYS A 26 3.00 -2.23 -8.11
C LYS A 26 2.05 -1.74 -7.00
N TYR A 27 2.62 -1.21 -5.91
CA TYR A 27 1.91 -0.69 -4.75
C TYR A 27 2.09 0.83 -4.55
N CYS A 28 3.06 1.46 -5.22
CA CYS A 28 3.42 2.86 -5.01
C CYS A 28 3.33 3.76 -6.27
N GLY A 29 2.99 3.20 -7.44
CA GLY A 29 2.85 3.95 -8.68
C GLY A 29 2.01 3.25 -9.76
N ARG A 30 2.57 2.20 -10.37
CA ARG A 30 1.98 1.39 -11.45
C ARG A 30 2.23 -0.10 -11.27
N VAL A 1 -2.12 -5.22 2.39
CA VAL A 1 -2.19 -6.34 3.35
C VAL A 1 -3.62 -6.89 3.28
N GLY A 2 -4.31 -7.19 4.38
CA GLY A 2 -5.77 -7.18 4.38
C GLY A 2 -6.25 -5.73 4.27
N GLU A 3 -6.50 -5.23 3.06
CA GLU A 3 -6.70 -3.81 2.74
C GLU A 3 -5.38 -3.01 2.90
N CYS A 4 -5.48 -1.68 2.84
CA CYS A 4 -4.61 -0.80 3.61
C CYS A 4 -5.02 -0.80 5.09
N VAL A 5 -4.31 -0.04 5.93
CA VAL A 5 -4.78 0.31 7.27
C VAL A 5 -5.84 1.42 7.12
N ARG A 6 -7.08 1.03 6.77
CA ARG A 6 -8.19 1.94 6.48
C ARG A 6 -7.77 3.12 5.58
N GLY A 7 -7.06 2.79 4.51
CA GLY A 7 -6.57 3.74 3.50
C GLY A 7 -5.22 4.42 3.83
N ARG A 8 -4.49 3.97 4.87
CA ARG A 8 -3.16 4.42 5.26
C ARG A 8 -2.22 3.22 5.43
N CYS A 9 -0.92 3.43 5.64
CA CYS A 9 0.06 2.35 5.86
C CYS A 9 1.12 2.70 6.91
N PRO A 10 1.73 1.69 7.57
CA PRO A 10 2.90 1.86 8.43
C PRO A 10 4.21 1.91 7.60
N SER A 11 5.32 2.21 8.28
CA SER A 11 6.73 2.02 7.88
C SER A 11 7.07 2.23 6.41
N GLY A 12 6.52 3.30 5.84
CA GLY A 12 6.67 3.65 4.42
C GLY A 12 6.23 2.57 3.44
N MET A 13 5.24 1.74 3.78
CA MET A 13 4.48 0.99 2.77
C MET A 13 3.52 1.95 2.03
N CYS A 14 3.02 1.47 0.90
CA CYS A 14 2.29 2.25 -0.09
C CYS A 14 0.86 1.73 -0.23
N CYS A 15 -0.13 2.54 0.13
CA CYS A 15 -1.55 2.21 -0.03
C CYS A 15 -1.92 2.30 -1.51
N SER A 16 -1.76 1.20 -2.23
CA SER A 16 -1.90 1.09 -3.69
C SER A 16 -3.29 1.47 -4.21
N GLN A 17 -3.38 1.70 -5.53
CA GLN A 17 -4.61 2.01 -6.26
C GLN A 17 -5.70 0.93 -6.12
C1 NAL A 18 -3.22 -2.46 -6.91
C2 NAL A 18 -4.57 -2.79 -6.95
C3 NAL A 18 -5.17 -3.11 -8.19
C4 NAL A 18 -4.42 -3.09 -9.37
C4A NAL A 18 -3.06 -2.74 -9.33
C5 NAL A 18 -2.29 -2.68 -10.52
C6 NAL A 18 -0.94 -2.29 -10.47
C7 NAL A 18 -0.35 -1.95 -9.23
C8 NAL A 18 -1.12 -2.02 -8.06
C8A NAL A 18 -2.46 -2.42 -8.09
C9 NAL A 18 -5.41 -2.73 -5.68
CA NAL A 18 -6.20 -1.42 -5.50
C NAL A 18 -6.83 -1.37 -4.11
N NAL A 18 -5.31 -0.30 -5.77
O NAL A 18 -7.73 -2.17 -3.82
H1 NAL A 18 -2.77 -2.26 -6.03
H3 NAL A 18 -6.14 -3.35 -8.22
H4 NAL A 18 -4.85 -3.33 -10.25
H5 NAL A 18 -2.70 -2.92 -11.40
H6 NAL A 18 -0.39 -2.25 -11.31
H7 NAL A 18 0.60 -1.66 -9.20
H8 NAL A 18 -0.69 -1.80 -7.18
H91 NAL A 18 -4.75 -2.86 -4.82
H92 NAL A 18 -6.11 -3.57 -5.67
HA NAL A 18 -7.01 -1.41 -6.24
H NAL A 18 -4.31 -0.45 -5.67
N GLY A 19 -6.37 -0.47 -3.21
CA GLY A 19 -6.79 -0.41 -1.81
C GLY A 19 -6.00 -1.36 -0.90
N TYR A 20 -4.73 -1.64 -1.22
CA TYR A 20 -3.87 -2.59 -0.49
C TYR A 20 -2.51 -1.96 -0.17
N CYS A 21 -2.09 -1.99 1.12
CA CYS A 21 -0.71 -1.67 1.50
C CYS A 21 0.27 -2.74 0.99
N GLY A 22 1.41 -2.29 0.44
CA GLY A 22 2.58 -3.12 0.17
C GLY A 22 3.83 -2.27 -0.10
N LYS A 23 4.87 -2.87 -0.69
CA LYS A 23 6.11 -2.21 -1.12
C LYS A 23 6.48 -2.63 -2.54
N GLY A 24 7.43 -1.91 -3.16
CA GLY A 24 7.84 -2.13 -4.54
C GLY A 24 6.79 -1.64 -5.58
N PRO A 25 7.07 -1.78 -6.88
CA PRO A 25 6.24 -1.19 -7.94
C PRO A 25 4.82 -1.76 -7.99
N LYS A 26 4.62 -3.02 -7.57
CA LYS A 26 3.31 -3.65 -7.43
C LYS A 26 2.38 -2.98 -6.41
N TYR A 27 2.88 -2.07 -5.56
CA TYR A 27 2.05 -1.32 -4.59
C TYR A 27 2.36 0.18 -4.54
N CYS A 28 3.58 0.61 -4.88
CA CYS A 28 3.95 2.02 -4.96
C CYS A 28 3.90 2.60 -6.38
N GLY A 29 3.75 1.76 -7.43
CA GLY A 29 3.39 2.22 -8.78
C GLY A 29 1.90 2.50 -8.83
N ARG A 30 1.48 3.60 -8.20
CA ARG A 30 0.10 3.93 -7.82
C ARG A 30 -0.23 5.41 -7.93
N VAL A 1 -0.70 -6.82 0.12
CA VAL A 1 -2.00 -7.44 0.52
C VAL A 1 -2.16 -7.28 2.02
N GLY A 2 -3.39 -6.92 2.43
CA GLY A 2 -3.66 -6.33 3.74
C GLY A 2 -4.07 -4.87 3.55
N GLU A 3 -5.37 -4.59 3.75
CA GLU A 3 -6.03 -3.28 3.58
C GLU A 3 -5.15 -2.07 3.97
N CYS A 4 -5.13 -1.04 3.11
CA CYS A 4 -4.75 0.31 3.48
C CYS A 4 -5.75 0.83 4.54
N VAL A 5 -5.35 0.83 5.81
CA VAL A 5 -6.15 1.06 7.01
C VAL A 5 -6.80 2.45 6.93
N ARG A 6 -8.05 2.49 6.46
CA ARG A 6 -8.76 3.73 6.06
C ARG A 6 -7.87 4.63 5.16
N GLY A 7 -7.03 4.01 4.31
CA GLY A 7 -6.07 4.64 3.41
C GLY A 7 -4.63 4.77 3.94
N ARG A 8 -4.33 4.42 5.22
CA ARG A 8 -2.98 4.45 5.78
C ARG A 8 -2.25 3.09 5.56
N CYS A 9 -0.93 3.08 5.72
CA CYS A 9 -0.11 1.87 5.74
C CYS A 9 0.97 1.96 6.85
N PRO A 10 1.51 0.82 7.31
CA PRO A 10 2.52 0.81 8.39
C PRO A 10 3.89 1.30 7.91
N SER A 11 4.79 1.54 8.88
CA SER A 11 6.10 2.16 8.76
C SER A 11 6.95 1.67 7.58
N GLY A 12 6.88 2.42 6.47
CA GLY A 12 7.68 2.18 5.25
C GLY A 12 6.94 1.46 4.13
N MET A 13 5.71 0.96 4.34
CA MET A 13 4.87 0.44 3.27
C MET A 13 4.18 1.57 2.48
N CYS A 14 3.56 1.19 1.37
CA CYS A 14 2.81 2.04 0.45
C CYS A 14 1.53 1.33 -0.02
N CYS A 15 0.56 2.09 -0.58
CA CYS A 15 -0.81 1.66 -0.82
C CYS A 15 -1.10 1.47 -2.31
N SER A 16 -1.38 0.22 -2.73
CA SER A 16 -1.74 -0.15 -4.10
C SER A 16 -3.11 0.39 -4.52
N GLN A 17 -3.35 0.50 -5.84
CA GLN A 17 -4.65 0.79 -6.44
C GLN A 17 -5.75 -0.18 -6.00
C1 NAL A 18 -3.85 -4.08 -7.20
C2 NAL A 18 -5.21 -3.96 -6.86
C3 NAL A 18 -6.17 -3.89 -7.88
C4 NAL A 18 -5.79 -3.89 -9.23
C4A NAL A 18 -4.43 -4.00 -9.57
C5 NAL A 18 -4.03 -3.98 -10.92
C6 NAL A 18 -2.67 -4.11 -11.25
C7 NAL A 18 -1.70 -4.24 -10.23
C8 NAL A 18 -2.10 -4.21 -8.88
C8A NAL A 18 -3.46 -4.10 -8.55
C9 NAL A 18 -5.64 -3.82 -5.40
CA NAL A 18 -6.27 -2.45 -5.10
C NAL A 18 -6.65 -2.29 -3.63
N NAL A 18 -5.37 -1.41 -5.59
O NAL A 18 -7.31 -3.17 -3.07
H1 NAL A 18 -3.17 -4.13 -6.47
H3 NAL A 18 -7.15 -3.82 -7.65
H4 NAL A 18 -6.48 -3.84 -9.96
H5 NAL A 18 -4.71 -3.89 -11.65
H6 NAL A 18 -2.38 -4.12 -12.21
H7 NAL A 18 -0.74 -4.35 -10.47
H8 NAL A 18 -1.40 -4.28 -8.16
H91 NAL A 18 -4.77 -3.95 -4.76
H92 NAL A 18 -6.35 -4.60 -5.17
HA NAL A 18 -7.21 -2.39 -5.67
H NAL A 18 -4.39 -1.62 -5.65
N GLY A 19 -6.24 -1.19 -2.97
CA GLY A 19 -6.61 -0.89 -1.58
C GLY A 19 -5.79 -1.65 -0.54
N TYR A 20 -4.64 -2.21 -0.93
CA TYR A 20 -3.75 -2.99 -0.07
C TYR A 20 -2.40 -2.31 0.15
N CYS A 21 -1.86 -2.47 1.36
CA CYS A 21 -0.49 -2.13 1.70
C CYS A 21 0.51 -3.18 1.18
N GLY A 22 1.76 -2.75 1.03
CA GLY A 22 2.90 -3.56 0.60
C GLY A 22 4.07 -2.64 0.26
N LYS A 23 5.05 -3.14 -0.52
CA LYS A 23 6.10 -2.32 -1.10
C LYS A 23 6.47 -2.81 -2.51
N GLY A 24 7.15 -1.97 -3.29
CA GLY A 24 7.48 -2.21 -4.69
C GLY A 24 6.59 -1.40 -5.66
N PRO A 25 6.81 -1.53 -6.99
CA PRO A 25 6.22 -0.65 -7.99
C PRO A 25 4.70 -0.81 -8.18
N LYS A 26 4.06 -1.81 -7.56
CA LYS A 26 2.61 -2.00 -7.51
C LYS A 26 1.95 -1.42 -6.24
N TYR A 27 2.76 -0.85 -5.33
CA TYR A 27 2.33 -0.24 -4.07
C TYR A 27 2.82 1.21 -3.94
N CYS A 28 4.09 1.45 -4.27
CA CYS A 28 4.73 2.76 -4.33
C CYS A 28 4.66 3.38 -5.74
N GLY A 29 4.19 2.60 -6.72
CA GLY A 29 3.76 3.01 -8.06
C GLY A 29 2.42 2.35 -8.37
N ARG A 30 1.90 2.50 -9.60
CA ARG A 30 0.68 1.85 -10.08
C ARG A 30 1.02 0.73 -11.06
N VAL A 1 -0.61 -6.48 -0.10
CA VAL A 1 -1.84 -7.11 0.45
C VAL A 1 -1.91 -6.81 1.93
N GLY A 2 -3.12 -6.55 2.43
CA GLY A 2 -3.35 -5.84 3.68
C GLY A 2 -4.03 -4.51 3.37
N GLU A 3 -5.35 -4.46 3.53
CA GLU A 3 -6.19 -3.31 3.18
C GLU A 3 -5.70 -1.97 3.78
N CYS A 4 -5.79 -0.89 2.98
CA CYS A 4 -5.36 0.44 3.40
C CYS A 4 -6.26 1.02 4.50
N VAL A 5 -5.79 1.00 5.75
CA VAL A 5 -6.48 1.35 7.00
C VAL A 5 -7.09 2.75 6.94
N ARG A 6 -8.34 2.80 6.46
CA ARG A 6 -9.09 3.96 5.94
C ARG A 6 -8.20 4.93 5.13
N GLY A 7 -7.29 4.37 4.32
CA GLY A 7 -6.37 5.07 3.44
C GLY A 7 -4.87 5.00 3.80
N ARG A 8 -4.48 4.45 4.97
CA ARG A 8 -3.08 4.41 5.43
C ARG A 8 -2.48 3.00 5.47
N CYS A 9 -1.15 2.94 5.60
CA CYS A 9 -0.34 1.73 5.57
C CYS A 9 0.81 1.82 6.59
N PRO A 10 1.51 0.69 6.88
CA PRO A 10 2.68 0.67 7.75
C PRO A 10 3.79 1.65 7.34
N SER A 11 4.62 2.04 8.33
CA SER A 11 5.70 3.05 8.25
C SER A 11 6.82 2.67 7.26
N GLY A 12 6.53 2.80 5.97
CA GLY A 12 7.44 2.51 4.86
C GLY A 12 6.77 1.87 3.64
N MET A 13 5.51 1.45 3.74
CA MET A 13 4.68 0.94 2.64
C MET A 13 3.93 2.08 1.94
N CYS A 14 3.29 1.75 0.82
CA CYS A 14 2.34 2.59 0.09
C CYS A 14 1.00 1.86 -0.05
N CYS A 15 -0.10 2.63 -0.10
CA CYS A 15 -1.40 2.15 -0.51
C CYS A 15 -1.48 2.10 -2.05
N SER A 16 -1.69 0.90 -2.60
CA SER A 16 -1.95 0.72 -4.03
C SER A 16 -3.40 1.04 -4.41
N GLN A 17 -3.61 1.33 -5.71
CA GLN A 17 -4.92 1.53 -6.33
C GLN A 17 -5.87 0.33 -6.21
C1 NAL A 18 -3.16 -2.77 -7.26
C2 NAL A 18 -4.50 -3.21 -7.21
C3 NAL A 18 -5.18 -3.47 -8.40
C4 NAL A 18 -4.56 -3.28 -9.65
C4A NAL A 18 -3.23 -2.79 -9.70
C5 NAL A 18 -2.61 -2.55 -10.94
C6 NAL A 18 -1.30 -2.03 -10.98
C7 NAL A 18 -0.61 -1.76 -9.78
C8 NAL A 18 -1.24 -2.03 -8.54
C8A NAL A 18 -2.54 -2.54 -8.50
C9 NAL A 18 -5.21 -3.29 -5.87
CA NAL A 18 -6.10 -2.07 -5.58
C NAL A 18 -6.67 -2.10 -4.14
N NAL A 18 -5.35 -0.85 -5.87
O NAL A 18 -7.29 -3.08 -3.76
H1 NAL A 18 -2.65 -2.64 -6.41
H3 NAL A 18 -6.13 -3.79 -8.37
H4 NAL A 18 -5.06 -3.47 -10.50
H5 NAL A 18 -3.09 -2.76 -11.79
H6 NAL A 18 -0.86 -1.85 -11.86
H7 NAL A 18 0.31 -1.39 -9.81
H8 NAL A 18 -0.75 -1.85 -7.69
H91 NAL A 18 -4.47 -3.38 -5.08
H92 NAL A 18 -5.82 -4.19 -5.84
HA NAL A 18 -6.96 -2.11 -6.26
H NAL A 18 -4.35 -0.88 -5.73
N GLY A 19 -6.44 -1.04 -3.34
CA GLY A 19 -6.91 -0.93 -1.97
C GLY A 19 -6.00 -1.62 -0.94
N TYR A 20 -4.80 -2.06 -1.37
CA TYR A 20 -3.88 -2.84 -0.55
C TYR A 20 -2.55 -2.12 -0.35
N CYS A 21 -2.02 -2.21 0.87
CA CYS A 21 -0.68 -1.78 1.24
C CYS A 21 0.42 -2.71 0.70
N GLY A 22 1.62 -2.17 0.50
CA GLY A 22 2.81 -2.94 0.17
C GLY A 22 4.04 -2.09 -0.17
N LYS A 23 5.10 -2.76 -0.67
CA LYS A 23 6.37 -2.19 -1.13
C LYS A 23 6.71 -2.70 -2.53
N GLY A 24 7.68 -2.06 -3.19
CA GLY A 24 8.13 -2.42 -4.53
C GLY A 24 7.22 -1.88 -5.64
N PRO A 25 7.53 -2.13 -6.93
CA PRO A 25 6.84 -1.56 -8.09
C PRO A 25 5.31 -1.73 -8.13
N LYS A 26 4.77 -2.77 -7.48
CA LYS A 26 3.33 -3.02 -7.36
C LYS A 26 2.60 -2.06 -6.39
N TYR A 27 3.33 -1.26 -5.60
CA TYR A 27 2.77 -0.43 -4.54
C TYR A 27 3.47 0.93 -4.39
N CYS A 28 4.80 0.91 -4.25
CA CYS A 28 5.61 1.99 -3.68
C CYS A 28 6.97 2.22 -4.39
N GLY A 29 7.21 1.54 -5.52
CA GLY A 29 8.49 1.57 -6.25
C GLY A 29 9.58 0.73 -5.58
N ARG A 30 9.83 0.99 -4.29
CA ARG A 30 10.78 0.27 -3.41
C ARG A 30 10.14 -0.25 -2.12
N VAL A 1 -2.15 -5.02 2.05
CA VAL A 1 -2.72 -6.21 1.36
C VAL A 1 -4.00 -6.60 2.06
N GLY A 2 -4.97 -7.13 1.33
CA GLY A 2 -6.37 -7.22 1.78
C GLY A 2 -7.06 -5.85 1.74
N GLU A 3 -6.39 -4.83 2.31
CA GLU A 3 -6.76 -3.42 2.25
C GLU A 3 -5.54 -2.48 2.41
N CYS A 4 -5.83 -1.17 2.42
CA CYS A 4 -5.19 -0.17 3.27
C CYS A 4 -6.06 0.16 4.50
N VAL A 5 -5.43 0.46 5.64
CA VAL A 5 -6.11 0.75 6.93
C VAL A 5 -6.85 2.09 6.83
N ARG A 6 -8.13 2.03 6.45
CA ARG A 6 -8.97 3.18 6.06
C ARG A 6 -8.29 4.11 5.04
N GLY A 7 -7.33 3.58 4.24
CA GLY A 7 -6.49 4.34 3.31
C GLY A 7 -5.02 4.56 3.73
N ARG A 8 -4.60 4.14 4.94
CA ARG A 8 -3.22 4.30 5.46
C ARG A 8 -2.49 2.96 5.60
N CYS A 9 -1.17 3.02 5.78
CA CYS A 9 -0.27 1.87 5.80
C CYS A 9 0.88 2.05 6.81
N PRO A 10 1.58 0.96 7.20
CA PRO A 10 2.80 1.01 8.00
C PRO A 10 3.92 1.92 7.47
N SER A 11 4.78 2.35 8.38
CA SER A 11 5.94 3.22 8.16
C SER A 11 6.85 2.71 7.04
N GLY A 12 6.76 3.34 5.87
CA GLY A 12 7.56 3.02 4.69
C GLY A 12 6.83 2.23 3.60
N MET A 13 5.56 1.83 3.81
CA MET A 13 4.74 1.22 2.76
C MET A 13 4.23 2.27 1.73
N CYS A 14 3.39 1.82 0.79
CA CYS A 14 2.47 2.60 -0.02
C CYS A 14 1.06 2.02 0.07
N CYS A 15 0.04 2.88 0.20
CA CYS A 15 -1.33 2.52 -0.14
C CYS A 15 -1.49 2.63 -1.66
N SER A 16 -1.60 1.48 -2.33
CA SER A 16 -1.64 1.40 -3.79
C SER A 16 -3.00 1.79 -4.40
N GLN A 17 -3.00 2.01 -5.72
CA GLN A 17 -4.19 2.20 -6.55
C GLN A 17 -5.16 1.01 -6.51
C1 NAL A 18 -2.38 -2.18 -7.21
C2 NAL A 18 -3.72 -2.63 -7.24
C3 NAL A 18 -4.26 -3.08 -8.46
C4 NAL A 18 -3.49 -3.06 -9.64
C4A NAL A 18 -2.17 -2.58 -9.62
C5 NAL A 18 -1.40 -2.53 -10.78
C6 NAL A 18 -0.07 -2.07 -10.74
C7 NAL A 18 0.47 -1.62 -9.53
C8 NAL A 18 -0.31 -1.63 -8.36
C8A NAL A 18 -1.62 -2.14 -8.39
C9 NAL A 18 -4.57 -2.60 -5.98
CA NAL A 18 -5.48 -1.37 -5.86
C NAL A 18 -6.23 -1.36 -4.51
N NAL A 18 -4.69 -0.16 -6.08
O NAL A 18 -6.89 -2.34 -4.18
H1 NAL A 18 -1.97 -1.90 -6.34
H3 NAL A 18 -5.20 -3.42 -8.49
H4 NAL A 18 -3.89 -3.39 -10.50
H5 NAL A 18 -1.79 -2.84 -11.66
H6 NAL A 18 0.49 -2.06 -11.58
H7 NAL A 18 1.42 -1.30 -9.50
H8 NAL A 18 0.07 -1.28 -7.51
H91 NAL A 18 -3.91 -2.63 -5.12
H92 NAL A 18 -5.18 -3.50 -5.95
HA NAL A 18 -6.24 -1.44 -6.65
H NAL A 18 -3.72 -0.19 -5.81
N GLY A 19 -6.11 -0.28 -3.72
CA GLY A 19 -6.71 -0.17 -2.39
C GLY A 19 -6.01 -1.05 -1.34
N TYR A 20 -4.77 -1.46 -1.61
CA TYR A 20 -3.96 -2.40 -0.84
C TYR A 20 -2.64 -1.75 -0.42
N CYS A 21 -2.26 -1.88 0.86
CA CYS A 21 -0.89 -1.58 1.30
C CYS A 21 0.15 -2.54 0.71
N GLY A 22 1.37 -2.04 0.43
CA GLY A 22 2.55 -2.85 0.17
C GLY A 22 3.79 -2.04 -0.22
N LYS A 23 4.82 -2.72 -0.74
CA LYS A 23 6.06 -2.16 -1.29
C LYS A 23 6.40 -2.77 -2.66
N GLY A 24 7.38 -2.21 -3.37
CA GLY A 24 7.79 -2.65 -4.70
C GLY A 24 6.78 -2.30 -5.80
N PRO A 25 7.07 -2.64 -7.08
CA PRO A 25 6.28 -2.25 -8.25
C PRO A 25 4.76 -2.51 -8.16
N LYS A 26 4.34 -3.60 -7.50
CA LYS A 26 2.93 -3.97 -7.34
C LYS A 26 2.15 -3.09 -6.35
N TYR A 27 2.80 -2.16 -5.63
CA TYR A 27 2.13 -1.27 -4.67
C TYR A 27 2.69 0.15 -4.58
N CYS A 28 3.99 0.32 -4.83
CA CYS A 28 4.77 1.46 -4.36
C CYS A 28 5.91 1.90 -5.28
N GLY A 29 6.39 1.02 -6.18
CA GLY A 29 7.70 1.13 -6.81
C GLY A 29 8.84 0.87 -5.82
N ARG A 30 8.87 1.65 -4.73
CA ARG A 30 9.86 1.69 -3.66
C ARG A 30 9.39 1.02 -2.35
N VAL A 1 -2.00 -4.90 2.74
CA VAL A 1 -2.72 -6.10 2.25
C VAL A 1 -3.91 -6.37 3.16
N GLY A 2 -4.96 -7.02 2.65
CA GLY A 2 -6.28 -7.05 3.29
C GLY A 2 -7.01 -5.72 3.10
N GLU A 3 -6.34 -4.61 3.45
CA GLU A 3 -6.65 -3.25 3.03
C GLU A 3 -5.39 -2.35 3.02
N CYS A 4 -5.63 -1.05 2.82
CA CYS A 4 -4.90 0.07 3.39
C CYS A 4 -5.65 0.56 4.65
N VAL A 5 -4.93 0.67 5.78
CA VAL A 5 -5.41 0.95 7.15
C VAL A 5 -6.28 2.19 7.20
N ARG A 6 -7.61 2.05 7.02
CA ARG A 6 -8.54 3.16 6.73
C ARG A 6 -8.02 4.14 5.65
N GLY A 7 -7.21 3.65 4.70
CA GLY A 7 -6.54 4.45 3.67
C GLY A 7 -5.12 4.94 4.03
N ARG A 8 -4.52 4.49 5.14
CA ARG A 8 -3.13 4.68 5.57
C ARG A 8 -2.32 3.40 5.37
N CYS A 9 -1.00 3.45 5.60
CA CYS A 9 -0.12 2.29 5.51
C CYS A 9 0.95 2.26 6.62
N PRO A 10 1.16 1.12 7.31
CA PRO A 10 2.19 0.97 8.34
C PRO A 10 3.57 0.69 7.74
N SER A 11 4.64 0.80 8.54
CA SER A 11 6.03 0.45 8.18
C SER A 11 6.56 1.13 6.91
N GLY A 12 6.02 2.31 6.62
CA GLY A 12 6.21 3.03 5.36
C GLY A 12 5.86 2.21 4.12
N MET A 13 4.86 1.33 4.18
CA MET A 13 4.23 0.76 2.98
C MET A 13 3.47 1.85 2.20
N CYS A 14 3.03 1.49 1.00
CA CYS A 14 2.30 2.37 0.07
C CYS A 14 1.03 1.67 -0.44
N CYS A 15 -0.02 2.44 -0.74
CA CYS A 15 -1.36 1.95 -1.03
C CYS A 15 -1.58 1.71 -2.53
N SER A 16 -1.66 0.44 -2.95
CA SER A 16 -1.92 0.02 -4.34
C SER A 16 -3.31 0.40 -4.85
N GLN A 17 -3.49 0.32 -6.17
CA GLN A 17 -4.75 0.43 -6.91
C GLN A 17 -5.86 -0.51 -6.41
C1 NAL A 18 -3.65 -4.31 -6.43
C2 NAL A 18 -5.06 -4.32 -6.36
C3 NAL A 18 -5.81 -4.57 -7.53
C4 NAL A 18 -5.16 -4.81 -8.76
C4A NAL A 18 -3.76 -4.80 -8.82
C5 NAL A 18 -3.11 -5.01 -10.05
C6 NAL A 18 -1.70 -5.01 -10.11
C7 NAL A 18 -0.96 -4.78 -8.95
C8 NAL A 18 -1.60 -4.53 -7.72
C8A NAL A 18 -3.01 -4.56 -7.65
C9 NAL A 18 -5.76 -3.94 -5.07
CA NAL A 18 -6.44 -2.57 -5.13
C NAL A 18 -6.94 -2.14 -3.75
N NAL A 18 -5.50 -1.60 -5.71
O NAL A 18 -7.69 -2.89 -3.12
H1 NAL A 18 -3.10 -4.13 -5.61
H3 NAL A 18 -6.80 -4.58 -7.48
H4 NAL A 18 -5.71 -4.99 -9.58
H5 NAL A 18 -3.64 -5.17 -10.89
H6 NAL A 18 -1.23 -5.18 -10.98
H7 NAL A 18 0.04 -4.79 -8.99
H8 NAL A 18 -1.07 -4.34 -6.90
H91 NAL A 18 -5.02 -3.94 -4.26
H92 NAL A 18 -6.50 -4.71 -4.84
HA NAL A 18 -7.31 -2.64 -5.78
H NAL A 18 -4.52 -1.76 -5.57
N GLY A 19 -6.52 -0.98 -3.24
CA GLY A 19 -6.80 -0.56 -1.87
C GLY A 19 -6.07 -1.43 -0.84
N TYR A 20 -4.90 -1.96 -1.20
CA TYR A 20 -4.03 -2.83 -0.40
C TYR A 20 -2.65 -2.18 -0.22
N CYS A 21 -2.17 -2.03 1.03
CA CYS A 21 -0.79 -1.61 1.30
C CYS A 21 0.24 -2.67 0.90
N GLY A 22 1.43 -2.23 0.49
CA GLY A 22 2.60 -3.07 0.20
C GLY A 22 3.84 -2.22 -0.12
N LYS A 23 4.83 -2.81 -0.81
CA LYS A 23 6.10 -2.17 -1.18
C LYS A 23 6.37 -2.29 -2.69
N GLY A 24 7.19 -1.39 -3.22
CA GLY A 24 7.68 -1.46 -4.60
C GLY A 24 6.76 -0.86 -5.67
N PRO A 25 7.14 -0.97 -6.96
CA PRO A 25 6.50 -0.28 -8.09
C PRO A 25 4.99 -0.50 -8.28
N LYS A 26 4.40 -1.58 -7.76
CA LYS A 26 2.95 -1.86 -7.81
C LYS A 26 2.18 -1.33 -6.59
N TYR A 27 2.87 -0.68 -5.65
CA TYR A 27 2.31 -0.18 -4.40
C TYR A 27 2.66 1.29 -4.15
N CYS A 28 3.91 1.69 -4.36
CA CYS A 28 4.33 3.10 -4.35
C CYS A 28 4.39 3.72 -5.76
N GLY A 29 4.37 2.89 -6.80
CA GLY A 29 3.89 3.23 -8.14
C GLY A 29 2.51 2.61 -8.36
N ARG A 30 2.13 2.35 -9.62
CA ARG A 30 0.88 1.67 -10.00
C ARG A 30 1.21 0.48 -10.91
N VAL A 1 0.42 -6.41 0.71
CA VAL A 1 -0.68 -7.05 1.49
C VAL A 1 -0.97 -6.25 2.74
N GLY A 2 -2.17 -6.44 3.31
CA GLY A 2 -2.78 -5.47 4.21
C GLY A 2 -3.57 -4.44 3.41
N GLU A 3 -4.90 -4.54 3.45
CA GLU A 3 -5.82 -3.49 2.96
C GLU A 3 -5.50 -2.14 3.64
N CYS A 4 -5.61 -1.03 2.91
CA CYS A 4 -5.23 0.29 3.43
C CYS A 4 -6.15 0.72 4.58
N VAL A 5 -5.63 0.74 5.82
CA VAL A 5 -6.35 1.00 7.07
C VAL A 5 -6.98 2.39 7.04
N ARG A 6 -8.21 2.46 6.53
CA ARG A 6 -8.90 3.67 6.06
C ARG A 6 -7.94 4.61 5.29
N GLY A 7 -7.12 4.02 4.42
CA GLY A 7 -6.10 4.70 3.60
C GLY A 7 -4.68 4.73 4.19
N ARG A 8 -4.46 4.37 5.46
CA ARG A 8 -3.12 4.29 6.06
C ARG A 8 -2.43 2.95 5.75
N CYS A 9 -1.10 2.93 5.87
CA CYS A 9 -0.26 1.74 5.73
C CYS A 9 0.90 1.75 6.74
N PRO A 10 1.45 0.58 7.12
CA PRO A 10 2.62 0.47 7.99
C PRO A 10 3.92 0.77 7.23
N SER A 11 5.05 0.81 7.96
CA SER A 11 6.45 0.82 7.48
C SER A 11 6.73 1.62 6.20
N GLY A 12 6.17 2.84 6.16
CA GLY A 12 6.22 3.76 5.01
C GLY A 12 5.81 3.13 3.68
N MET A 13 4.91 2.14 3.69
CA MET A 13 4.40 1.49 2.49
C MET A 13 3.40 2.39 1.73
N CYS A 14 3.23 2.07 0.46
CA CYS A 14 2.31 2.74 -0.46
C CYS A 14 0.93 2.10 -0.35
N CYS A 15 -0.09 2.89 -0.01
CA CYS A 15 -1.48 2.51 -0.28
C CYS A 15 -1.70 2.52 -1.80
N SER A 16 -1.69 1.35 -2.41
CA SER A 16 -1.77 1.19 -3.87
C SER A 16 -3.18 1.42 -4.42
N GLN A 17 -3.26 1.63 -5.74
CA GLN A 17 -4.52 1.74 -6.50
C GLN A 17 -5.41 0.50 -6.39
C1 NAL A 18 -2.44 -2.49 -7.12
C2 NAL A 18 -3.74 -3.03 -7.10
C3 NAL A 18 -4.26 -3.56 -8.29
C4 NAL A 18 -3.52 -3.52 -9.49
C4A NAL A 18 -2.24 -2.92 -9.50
C5 NAL A 18 -1.49 -2.86 -10.69
C6 NAL A 18 -0.21 -2.29 -10.69
C7 NAL A 18 0.33 -1.77 -9.49
C8 NAL A 18 -0.43 -1.81 -8.32
C8A NAL A 18 -1.71 -2.40 -8.31
C9 NAL A 18 -4.55 -3.04 -5.82
CA NAL A 18 -5.55 -1.88 -5.68
C NAL A 18 -6.24 -1.90 -4.30
N NAL A 18 -4.85 -0.64 -5.95
O NAL A 18 -6.92 -2.87 -3.99
H1 NAL A 18 -2.04 -2.14 -6.26
H3 NAL A 18 -5.17 -3.98 -8.28
H4 NAL A 18 -3.91 -3.90 -10.33
H5 NAL A 18 -1.87 -3.22 -11.55
H6 NAL A 18 0.33 -2.26 -11.53
H7 NAL A 18 1.24 -1.36 -9.50
H8 NAL A 18 -0.06 -1.41 -7.47
H91 NAL A 18 -3.87 -3.02 -4.96
H92 NAL A 18 -5.10 -3.98 -5.76
HA NAL A 18 -6.33 -2.02 -6.44
H NAL A 18 -3.87 -0.59 -5.72
N GLY A 19 -6.07 -0.85 -3.47
CA GLY A 19 -6.64 -0.75 -2.13
C GLY A 19 -5.77 -1.40 -1.03
N TYR A 20 -4.53 -1.78 -1.37
CA TYR A 20 -3.64 -2.55 -0.49
C TYR A 20 -2.27 -1.90 -0.34
N CYS A 21 -1.68 -2.06 0.84
CA CYS A 21 -0.36 -1.60 1.23
C CYS A 21 0.75 -2.47 0.66
N GLY A 22 1.91 -1.85 0.36
CA GLY A 22 3.16 -2.57 0.14
C GLY A 22 4.31 -1.67 -0.34
N LYS A 23 5.40 -2.31 -0.76
CA LYS A 23 6.54 -1.71 -1.46
C LYS A 23 6.87 -2.55 -2.71
N GLY A 24 7.58 -1.95 -3.67
CA GLY A 24 7.85 -2.56 -4.98
C GLY A 24 6.75 -2.27 -6.01
N PRO A 25 6.93 -2.66 -7.29
CA PRO A 25 6.11 -2.23 -8.42
C PRO A 25 4.61 -2.39 -8.23
N LYS A 26 4.17 -3.55 -7.73
CA LYS A 26 2.76 -3.87 -7.43
C LYS A 26 2.12 -3.03 -6.31
N TYR A 27 2.86 -2.08 -5.71
CA TYR A 27 2.31 -1.18 -4.70
C TYR A 27 2.77 0.28 -4.84
N CYS A 28 4.02 0.50 -5.21
CA CYS A 28 4.64 1.83 -5.33
C CYS A 28 5.05 2.20 -6.76
N GLY A 29 4.85 1.33 -7.76
CA GLY A 29 5.37 1.51 -9.12
C GLY A 29 6.88 1.28 -9.23
N ARG A 30 7.66 1.90 -8.33
CA ARG A 30 9.04 1.54 -7.99
C ARG A 30 9.05 0.28 -7.10
N VAL A 1 -2.31 -4.24 3.18
CA VAL A 1 -2.76 -5.61 2.88
C VAL A 1 -3.84 -5.96 3.89
N GLY A 2 -5.00 -6.38 3.41
CA GLY A 2 -6.26 -6.04 4.09
C GLY A 2 -6.50 -4.54 3.92
N GLU A 3 -6.76 -4.12 2.67
CA GLU A 3 -6.84 -2.73 2.22
C GLU A 3 -5.53 -1.93 2.42
N CYS A 4 -5.61 -0.63 2.16
CA CYS A 4 -4.89 0.40 2.91
C CYS A 4 -5.69 0.72 4.18
N VAL A 5 -5.03 0.76 5.34
CA VAL A 5 -5.67 0.66 6.67
C VAL A 5 -6.52 1.90 6.99
N ARG A 6 -7.79 1.88 6.55
CA ARG A 6 -8.63 3.08 6.36
C ARG A 6 -7.89 4.16 5.53
N GLY A 7 -7.21 3.71 4.47
CA GLY A 7 -6.47 4.54 3.52
C GLY A 7 -4.96 4.63 3.76
N ARG A 8 -4.47 4.15 4.93
CA ARG A 8 -3.11 4.39 5.42
C ARG A 8 -2.16 3.20 5.23
N CYS A 9 -0.89 3.44 5.52
CA CYS A 9 0.22 2.48 5.50
C CYS A 9 1.19 2.73 6.66
N PRO A 10 1.97 1.72 7.08
CA PRO A 10 3.12 1.93 7.96
C PRO A 10 4.31 2.57 7.21
N SER A 11 5.23 3.16 7.98
CA SER A 11 6.38 3.95 7.53
C SER A 11 7.28 3.21 6.53
N GLY A 12 7.02 3.41 5.24
CA GLY A 12 7.79 2.84 4.12
C GLY A 12 6.97 1.95 3.18
N MET A 13 5.73 1.59 3.54
CA MET A 13 4.75 1.01 2.61
C MET A 13 3.94 2.09 1.90
N CYS A 14 3.23 1.69 0.85
CA CYS A 14 2.49 2.57 -0.09
C CYS A 14 1.12 1.98 -0.42
N CYS A 15 0.12 2.86 -0.54
CA CYS A 15 -1.25 2.50 -0.89
C CYS A 15 -1.39 2.41 -2.42
N SER A 16 -1.53 1.18 -2.95
CA SER A 16 -1.68 0.94 -4.38
C SER A 16 -3.05 1.39 -4.93
N GLN A 17 -3.11 1.56 -6.26
CA GLN A 17 -4.32 1.87 -7.03
C GLN A 17 -5.44 0.82 -6.88
C1 NAL A 18 -3.12 -2.70 -7.46
C2 NAL A 18 -4.50 -2.94 -7.45
C3 NAL A 18 -5.15 -3.25 -8.66
C4 NAL A 18 -4.43 -3.28 -9.88
C4A NAL A 18 -3.05 -3.02 -9.89
C5 NAL A 18 -2.32 -3.05 -11.09
C6 NAL A 18 -0.94 -2.76 -11.08
C7 NAL A 18 -0.29 -2.46 -9.88
C8 NAL A 18 -1.02 -2.43 -8.68
C8A NAL A 18 -2.39 -2.71 -8.67
C9 NAL A 18 -5.29 -2.79 -6.17
CA NAL A 18 -6.04 -1.46 -6.06
C NAL A 18 -6.70 -1.28 -4.68
N NAL A 18 -5.11 -0.37 -6.38
O NAL A 18 -7.45 -2.16 -4.25
H1 NAL A 18 -2.63 -2.51 -6.60
H3 NAL A 18 -6.14 -3.42 -8.67
H4 NAL A 18 -4.90 -3.51 -10.73
H5 NAL A 18 -2.78 -3.27 -11.95
H6 NAL A 18 -0.42 -2.78 -11.94
H7 NAL A 18 0.68 -2.25 -9.87
H8 NAL A 18 -0.56 -2.20 -7.81
H91 NAL A 18 -4.61 -2.88 -5.32
H92 NAL A 18 -6.01 -3.61 -6.10
HA NAL A 18 -6.84 -1.45 -6.80
H NAL A 18 -4.14 -0.51 -6.14
N GLY A 19 -6.42 -0.18 -3.96
CA GLY A 19 -6.94 0.07 -2.62
C GLY A 19 -6.24 -0.76 -1.54
N TYR A 20 -5.05 -1.29 -1.84
CA TYR A 20 -4.30 -2.23 -1.00
C TYR A 20 -2.90 -1.67 -0.69
N CYS A 21 -2.53 -1.62 0.59
CA CYS A 21 -1.21 -1.18 1.04
C CYS A 21 -0.16 -2.31 0.98
N GLY A 22 1.10 -1.97 0.66
CA GLY A 22 2.22 -2.90 0.62
C GLY A 22 3.55 -2.23 0.22
N LYS A 23 4.57 -3.01 -0.14
CA LYS A 23 5.87 -2.51 -0.60
C LYS A 23 6.38 -3.28 -1.82
N GLY A 24 7.35 -2.72 -2.55
CA GLY A 24 7.86 -3.27 -3.82
C GLY A 24 7.07 -2.77 -5.04
N PRO A 25 7.37 -3.30 -6.24
CA PRO A 25 6.84 -2.84 -7.53
C PRO A 25 5.34 -2.53 -7.56
N LYS A 26 4.52 -3.45 -7.03
CA LYS A 26 3.06 -3.36 -6.98
C LYS A 26 2.48 -2.24 -6.09
N TYR A 27 3.33 -1.52 -5.34
CA TYR A 27 2.91 -0.54 -4.33
C TYR A 27 3.77 0.72 -4.32
N CYS A 28 5.09 0.57 -4.16
CA CYS A 28 6.07 1.63 -3.94
C CYS A 28 7.12 1.73 -5.05
N GLY A 29 7.13 0.82 -6.02
CA GLY A 29 8.31 0.58 -6.87
C GLY A 29 9.39 -0.23 -6.15
N ARG A 30 9.76 0.16 -4.92
CA ARG A 30 10.78 -0.45 -4.08
C ARG A 30 10.31 -0.70 -2.63
N VAL A 1 -2.00 -4.76 3.12
CA VAL A 1 -2.54 -6.09 2.71
C VAL A 1 -3.81 -6.32 3.50
N GLY A 2 -4.85 -6.91 2.89
CA GLY A 2 -6.22 -6.84 3.40
C GLY A 2 -6.85 -5.49 3.11
N GLU A 3 -6.12 -4.41 3.39
CA GLU A 3 -6.43 -3.03 3.01
C GLU A 3 -5.14 -2.18 2.88
N CYS A 4 -5.28 -0.92 2.46
CA CYS A 4 -4.55 0.22 3.00
C CYS A 4 -5.35 0.71 4.21
N VAL A 5 -4.86 0.48 5.43
CA VAL A 5 -5.64 0.44 6.69
C VAL A 5 -6.43 1.74 6.89
N ARG A 6 -7.70 1.74 6.50
CA ARG A 6 -8.57 2.93 6.40
C ARG A 6 -7.87 4.12 5.73
N GLY A 7 -7.03 3.84 4.73
CA GLY A 7 -6.19 4.77 3.98
C GLY A 7 -4.72 4.87 4.41
N ARG A 8 -4.29 4.19 5.49
CA ARG A 8 -2.91 4.23 6.00
C ARG A 8 -2.05 3.06 5.50
N CYS A 9 -0.75 3.16 5.79
CA CYS A 9 0.26 2.12 5.64
C CYS A 9 1.17 2.08 6.90
N PRO A 10 1.76 0.92 7.24
CA PRO A 10 2.89 0.82 8.15
C PRO A 10 4.10 1.67 7.71
N SER A 11 5.05 1.86 8.64
CA SER A 11 6.25 2.68 8.53
C SER A 11 7.01 2.52 7.20
N GLY A 12 6.78 3.44 6.26
CA GLY A 12 7.46 3.48 4.98
C GLY A 12 6.87 2.58 3.89
N MET A 13 5.75 1.89 4.13
CA MET A 13 5.03 1.15 3.08
C MET A 13 4.20 2.08 2.18
N CYS A 14 3.62 1.51 1.11
CA CYS A 14 2.96 2.21 0.01
C CYS A 14 1.56 1.65 -0.25
N CYS A 15 0.55 2.51 -0.41
CA CYS A 15 -0.81 2.10 -0.77
C CYS A 15 -0.91 1.88 -2.29
N SER A 16 -1.38 0.70 -2.71
CA SER A 16 -1.66 0.40 -4.13
C SER A 16 -3.01 0.98 -4.60
N GLN A 17 -3.15 1.24 -5.91
CA GLN A 17 -4.44 1.59 -6.54
C GLN A 17 -5.50 0.49 -6.36
C1 NAL A 18 -3.08 -2.74 -7.73
C2 NAL A 18 -4.43 -3.12 -7.57
C3 NAL A 18 -5.23 -3.31 -8.70
C4 NAL A 18 -4.71 -3.11 -10.00
C4A NAL A 18 -3.38 -2.68 -10.16
C5 NAL A 18 -2.86 -2.41 -11.44
C6 NAL A 18 -1.55 -1.92 -11.59
C7 NAL A 18 -0.75 -1.71 -10.46
C8 NAL A 18 -1.26 -1.99 -9.18
C8A NAL A 18 -2.57 -2.49 -9.02
C9 NAL A 18 -5.05 -3.18 -6.18
CA NAL A 18 -5.87 -1.93 -5.83
C NAL A 18 -6.41 -1.95 -4.39
N NAL A 18 -5.06 -0.75 -6.10
O NAL A 18 -7.06 -2.92 -4.00
H1 NAL A 18 -2.49 -2.65 -6.94
H3 NAL A 18 -6.18 -3.59 -8.60
H4 NAL A 18 -5.28 -3.27 -10.81
H5 NAL A 18 -3.43 -2.56 -12.25
H6 NAL A 18 -1.19 -1.73 -12.50
H7 NAL A 18 0.18 -1.36 -10.56
H8 NAL A 18 -0.69 -1.84 -8.37
H91 NAL A 18 -4.31 -3.27 -5.51
H92 NAL A 18 -5.65 -3.98 -6.14
HA NAL A 18 -6.75 -1.90 -6.48
H NAL A 18 -4.05 -0.87 -6.06
N GLY A 19 -6.14 -0.91 -3.58
CA GLY A 19 -6.71 -0.73 -2.25
C GLY A 19 -5.96 -1.50 -1.15
N TYR A 20 -4.79 -2.07 -1.44
CA TYR A 20 -3.96 -2.84 -0.51
C TYR A 20 -2.63 -2.11 -0.28
N CYS A 21 -2.22 -1.94 0.98
CA CYS A 21 -0.88 -1.47 1.32
C CYS A 21 0.17 -2.59 1.15
N GLY A 22 1.41 -2.22 0.81
CA GLY A 22 2.55 -3.13 0.72
C GLY A 22 3.84 -2.40 0.32
N LYS A 23 4.82 -3.13 -0.22
CA LYS A 23 6.08 -2.57 -0.74
C LYS A 23 6.47 -3.28 -2.04
N GLY A 24 7.24 -2.59 -2.90
CA GLY A 24 7.61 -3.05 -4.24
C GLY A 24 6.77 -2.39 -5.35
N PRO A 25 7.05 -2.68 -6.64
CA PRO A 25 6.43 -2.03 -7.79
C PRO A 25 4.90 -1.92 -7.71
N LYS A 26 4.22 -3.05 -7.47
CA LYS A 26 2.75 -3.16 -7.34
C LYS A 26 2.12 -2.26 -6.25
N TYR A 27 2.94 -1.66 -5.38
CA TYR A 27 2.51 -0.80 -4.27
C TYR A 27 3.09 0.62 -4.37
N CYS A 28 4.36 0.77 -4.80
CA CYS A 28 5.09 2.03 -4.81
C CYS A 28 5.37 2.61 -6.21
N GLY A 29 5.20 1.83 -7.30
CA GLY A 29 5.50 2.21 -8.67
C GLY A 29 4.38 1.74 -9.60
N ARG A 30 3.21 2.35 -9.42
CA ARG A 30 1.88 1.86 -9.79
C ARG A 30 0.87 3.00 -9.87
N VAL A 1 -1.94 -4.58 2.69
CA VAL A 1 -2.45 -5.89 2.24
C VAL A 1 -3.77 -6.14 2.95
N GLY A 2 -4.78 -6.69 2.25
CA GLY A 2 -6.18 -6.67 2.69
C GLY A 2 -6.82 -5.29 2.45
N GLU A 3 -6.10 -4.24 2.82
CA GLU A 3 -6.37 -2.83 2.50
C GLU A 3 -5.05 -2.02 2.54
N CYS A 4 -5.11 -0.71 2.26
CA CYS A 4 -4.50 0.31 3.12
C CYS A 4 -5.47 0.58 4.27
N VAL A 5 -5.15 0.13 5.47
CA VAL A 5 -6.00 0.10 6.67
C VAL A 5 -6.55 1.50 6.96
N ARG A 6 -7.81 1.77 6.60
CA ARG A 6 -8.42 3.11 6.63
C ARG A 6 -7.54 4.18 5.94
N GLY A 7 -6.80 3.77 4.90
CA GLY A 7 -5.87 4.58 4.11
C GLY A 7 -4.42 4.57 4.61
N ARG A 8 -4.07 3.77 5.63
CA ARG A 8 -2.74 3.75 6.27
C ARG A 8 -2.08 2.37 6.22
N CYS A 9 -0.77 2.34 6.47
CA CYS A 9 0.04 1.16 6.79
C CYS A 9 1.34 1.62 7.48
N PRO A 10 2.20 0.71 7.99
CA PRO A 10 3.52 1.05 8.53
C PRO A 10 4.33 1.99 7.63
N SER A 11 4.97 3.00 8.25
CA SER A 11 5.72 4.08 7.59
C SER A 11 6.86 3.55 6.71
N GLY A 12 6.59 3.44 5.41
CA GLY A 12 7.48 2.85 4.41
C GLY A 12 6.77 1.83 3.50
N MET A 13 5.62 1.30 3.91
CA MET A 13 4.65 0.69 3.01
C MET A 13 3.77 1.79 2.40
N CYS A 14 3.14 1.48 1.27
CA CYS A 14 2.52 2.43 0.35
C CYS A 14 1.24 1.84 -0.24
N CYS A 15 0.17 2.64 -0.37
CA CYS A 15 -1.09 2.23 -0.96
C CYS A 15 -0.98 2.02 -2.49
N SER A 16 -1.84 1.19 -3.05
CA SER A 16 -1.92 0.89 -4.48
C SER A 16 -3.32 1.09 -5.07
N GLN A 17 -3.40 1.12 -6.41
CA GLN A 17 -4.65 1.19 -7.18
C GLN A 17 -5.63 0.05 -6.89
C1 NAL A 18 -2.95 -3.21 -7.25
C2 NAL A 18 -4.29 -3.64 -7.13
C3 NAL A 18 -4.93 -4.17 -8.27
C4 NAL A 18 -4.27 -4.25 -9.50
C4A NAL A 18 -2.95 -3.79 -9.62
C5 NAL A 18 -2.27 -3.85 -10.86
C6 NAL A 18 -0.96 -3.35 -10.97
C7 NAL A 18 -0.31 -2.81 -9.84
C8 NAL A 18 -0.98 -2.77 -8.61
C8A NAL A 18 -2.29 -3.26 -8.49
C9 NAL A 18 -5.05 -3.44 -5.84
CA NAL A 18 -5.95 -2.20 -5.85
C NAL A 18 -6.59 -1.96 -4.46
N NAL A 18 -5.16 -1.05 -6.31
O NAL A 18 -7.22 -2.85 -3.92
H1 NAL A 18 -2.48 -2.85 -6.44
H3 NAL A 18 -5.88 -4.49 -8.19
H4 NAL A 18 -4.74 -4.65 -10.30
H5 NAL A 18 -2.73 -4.24 -11.66
H6 NAL A 18 -0.50 -3.38 -11.85
H7 NAL A 18 0.62 -2.45 -9.93
H8 NAL A 18 -0.51 -2.41 -7.80
H91 NAL A 18 -4.33 -3.35 -5.02
H92 NAL A 18 -5.66 -4.32 -5.65
HA NAL A 18 -6.77 -2.36 -6.55
H NAL A 18 -4.17 -1.07 -6.11
N GLY A 19 -6.40 -0.77 -3.87
CA GLY A 19 -6.86 -0.44 -2.52
C GLY A 19 -6.00 -1.08 -1.42
N TYR A 20 -4.86 -1.67 -1.77
CA TYR A 20 -4.01 -2.47 -0.89
C TYR A 20 -2.69 -1.75 -0.63
N CYS A 21 -2.22 -1.75 0.62
CA CYS A 21 -0.85 -1.35 0.94
C CYS A 21 0.17 -2.46 0.66
N GLY A 22 1.41 -2.07 0.35
CA GLY A 22 2.54 -2.96 0.10
C GLY A 22 3.84 -2.20 -0.15
N LYS A 23 4.83 -2.87 -0.74
CA LYS A 23 6.10 -2.29 -1.21
C LYS A 23 6.49 -2.88 -2.57
N GLY A 24 7.43 -2.23 -3.26
CA GLY A 24 7.86 -2.62 -4.61
C GLY A 24 7.01 -2.00 -5.73
N PRO A 25 7.25 -2.36 -7.01
CA PRO A 25 6.66 -1.73 -8.19
C PRO A 25 5.14 -1.53 -8.18
N LYS A 26 4.38 -2.47 -7.61
CA LYS A 26 2.93 -2.42 -7.50
C LYS A 26 2.40 -1.41 -6.45
N TYR A 27 3.27 -0.82 -5.62
CA TYR A 27 2.88 -0.03 -4.45
C TYR A 27 3.70 1.24 -4.24
N CYS A 28 5.04 1.15 -4.32
CA CYS A 28 5.95 2.26 -4.03
C CYS A 28 7.22 2.31 -4.91
N GLY A 29 7.35 1.43 -5.91
CA GLY A 29 8.60 1.22 -6.63
C GLY A 29 9.58 0.33 -5.84
N ARG A 30 9.75 0.62 -4.55
CA ARG A 30 10.64 -0.09 -3.61
C ARG A 30 9.94 -0.55 -2.33
N VAL A 1 -2.04 -4.26 3.53
CA VAL A 1 -2.22 -5.74 3.41
C VAL A 1 -3.41 -5.98 2.48
N GLY A 2 -4.45 -6.72 2.88
CA GLY A 2 -5.73 -6.84 2.15
C GLY A 2 -6.59 -5.56 2.16
N GLU A 3 -5.98 -4.42 2.44
CA GLU A 3 -6.52 -3.07 2.54
C GLU A 3 -5.34 -2.06 2.69
N CYS A 4 -5.63 -0.78 2.48
CA CYS A 4 -4.96 0.37 3.09
C CYS A 4 -5.76 0.79 4.33
N VAL A 5 -5.21 0.61 5.53
CA VAL A 5 -5.95 0.63 6.80
C VAL A 5 -6.51 2.03 7.08
N ARG A 6 -7.82 2.23 6.86
CA ARG A 6 -8.45 3.57 6.77
C ARG A 6 -7.70 4.50 5.80
N GLY A 7 -7.08 3.94 4.76
CA GLY A 7 -6.22 4.62 3.78
C GLY A 7 -4.74 4.68 4.16
N ARG A 8 -4.34 4.28 5.38
CA ARG A 8 -2.96 4.37 5.87
C ARG A 8 -2.16 3.09 5.56
N CYS A 9 -0.85 3.16 5.84
CA CYS A 9 0.15 2.16 5.51
C CYS A 9 1.21 2.04 6.62
N PRO A 10 1.80 0.84 6.82
CA PRO A 10 3.03 0.63 7.61
C PRO A 10 4.28 1.38 7.10
N SER A 11 5.40 1.17 7.78
CA SER A 11 6.74 1.77 7.61
C SER A 11 7.17 1.98 6.14
N GLY A 12 6.89 3.18 5.63
CA GLY A 12 7.17 3.58 4.24
C GLY A 12 6.52 2.67 3.20
N MET A 13 5.37 2.07 3.52
CA MET A 13 4.52 1.35 2.57
C MET A 13 3.57 2.31 1.84
N CYS A 14 2.90 1.80 0.81
CA CYS A 14 2.21 2.54 -0.22
C CYS A 14 0.88 1.85 -0.59
N CYS A 15 -0.14 2.67 -0.85
CA CYS A 15 -1.50 2.21 -1.16
C CYS A 15 -1.66 1.98 -2.67
N SER A 16 -1.84 0.73 -3.10
CA SER A 16 -2.03 0.37 -4.51
C SER A 16 -3.38 0.80 -5.08
N GLN A 17 -3.47 0.78 -6.41
CA GLN A 17 -4.67 0.96 -7.23
C GLN A 17 -5.84 0.03 -6.85
C1 NAL A 18 -3.78 -3.78 -6.76
C2 NAL A 18 -5.19 -3.78 -6.81
C3 NAL A 18 -5.83 -4.05 -8.03
C4 NAL A 18 -5.08 -4.31 -9.20
C4A NAL A 18 -3.68 -4.27 -9.16
C5 NAL A 18 -2.92 -4.48 -10.33
C6 NAL A 18 -1.52 -4.40 -10.26
C7 NAL A 18 -0.87 -4.12 -9.04
C8 NAL A 18 -1.64 -3.93 -7.87
C8A NAL A 18 -3.03 -4.00 -7.92
C9 NAL A 18 -5.99 -3.41 -5.58
CA NAL A 18 -6.61 -2.00 -5.64
C NAL A 18 -7.18 -1.60 -4.26
N NAL A 18 -5.59 -1.06 -6.12
O NAL A 18 -8.01 -2.33 -3.72
H1 NAL A 18 -3.32 -3.60 -5.90
H3 NAL A 18 -6.84 -4.07 -8.08
H4 NAL A 18 -5.56 -4.50 -10.07
H5 NAL A 18 -3.38 -4.67 -11.19
H6 NAL A 18 -0.97 -4.56 -11.09
H7 NAL A 18 0.12 -4.06 -9.01
H8 NAL A 18 -1.18 -3.73 -7.00
H91 NAL A 18 -5.35 -3.47 -4.71
H92 NAL A 18 -6.79 -4.14 -5.45
HA NAL A 18 -7.43 -2.01 -6.34
H NAL A 18 -4.63 -1.22 -5.85
N GLY A 19 -6.71 -0.50 -3.66
CA GLY A 19 -7.03 -0.14 -2.27
C GLY A 19 -6.33 -1.03 -1.26
N TYR A 20 -5.24 -1.71 -1.67
CA TYR A 20 -4.45 -2.65 -0.87
C TYR A 20 -3.07 -2.04 -0.62
N CYS A 21 -2.65 -1.88 0.64
CA CYS A 21 -1.35 -1.35 0.98
C CYS A 21 -0.25 -2.43 0.95
N GLY A 22 0.95 -2.08 0.49
CA GLY A 22 2.13 -2.93 0.40
C GLY A 22 3.37 -2.09 0.08
N LYS A 23 4.46 -2.70 -0.39
CA LYS A 23 5.73 -2.00 -0.65
C LYS A 23 6.27 -2.36 -2.04
N GLY A 24 7.01 -1.45 -2.68
CA GLY A 24 7.72 -1.72 -3.93
C GLY A 24 6.90 -1.49 -5.22
N PRO A 25 7.34 -2.08 -6.35
CA PRO A 25 6.96 -1.68 -7.72
C PRO A 25 5.52 -2.02 -8.15
N LYS A 26 4.69 -2.57 -7.26
CA LYS A 26 3.26 -2.85 -7.47
C LYS A 26 2.35 -2.16 -6.45
N TYR A 27 2.94 -1.31 -5.59
CA TYR A 27 2.25 -0.52 -4.57
C TYR A 27 2.66 0.95 -4.67
N CYS A 28 3.96 1.22 -4.55
CA CYS A 28 4.54 2.52 -4.84
C CYS A 28 4.57 2.70 -6.36
N GLY A 29 5.31 1.82 -7.06
CA GLY A 29 5.17 1.65 -8.51
C GLY A 29 3.80 1.06 -8.87
N ARG A 30 3.42 1.18 -10.16
CA ARG A 30 2.07 0.88 -10.64
C ARG A 30 1.96 -0.52 -11.20
N VAL A 1 -5.99 -9.71 2.77
CA VAL A 1 -4.82 -9.52 3.64
C VAL A 1 -4.00 -8.32 3.17
N GLY A 2 -3.70 -7.38 4.07
CA GLY A 2 -2.95 -6.17 3.73
C GLY A 2 -3.81 -4.98 3.26
N GLU A 3 -5.13 -5.07 3.35
CA GLU A 3 -6.08 -3.99 3.10
C GLU A 3 -5.71 -2.72 3.89
N CYS A 4 -5.53 -1.57 3.23
CA CYS A 4 -5.01 -0.36 3.87
C CYS A 4 -5.83 0.11 5.07
N VAL A 5 -5.21 0.93 5.93
CA VAL A 5 -5.85 1.69 7.02
C VAL A 5 -6.61 2.89 6.42
N ARG A 6 -7.53 2.56 5.50
CA ARG A 6 -8.43 3.41 4.73
C ARG A 6 -7.68 4.53 3.98
N GLY A 7 -6.48 4.20 3.46
CA GLY A 7 -5.58 5.07 2.71
C GLY A 7 -4.16 5.17 3.28
N ARG A 8 -3.91 4.68 4.51
CA ARG A 8 -2.60 4.66 5.16
C ARG A 8 -2.13 3.21 5.41
N CYS A 9 -0.86 3.04 5.78
CA CYS A 9 -0.21 1.74 5.90
C CYS A 9 0.80 1.67 7.06
N PRO A 10 1.27 0.45 7.44
CA PRO A 10 2.39 0.24 8.34
C PRO A 10 3.69 0.97 7.93
N SER A 11 4.63 1.03 8.88
CA SER A 11 5.91 1.74 8.85
C SER A 11 6.64 1.69 7.50
N GLY A 12 6.49 2.75 6.70
CA GLY A 12 7.16 2.93 5.41
C GLY A 12 6.58 2.13 4.25
N MET A 13 5.48 1.39 4.44
CA MET A 13 4.76 0.70 3.36
C MET A 13 3.85 1.69 2.61
N CYS A 14 3.44 1.30 1.39
CA CYS A 14 2.70 2.16 0.46
C CYS A 14 1.34 1.54 0.14
N CYS A 15 0.27 2.34 0.27
CA CYS A 15 -1.09 1.95 -0.12
C CYS A 15 -1.24 1.99 -1.65
N SER A 16 -1.30 0.82 -2.28
CA SER A 16 -1.64 0.65 -3.69
C SER A 16 -3.01 1.26 -4.00
N GLN A 17 -3.15 1.74 -5.23
CA GLN A 17 -4.38 2.19 -5.88
C GLN A 17 -5.54 1.17 -5.80
C1 NAL A 18 -3.75 -2.41 -7.74
C2 NAL A 18 -5.12 -2.26 -7.49
C3 NAL A 18 -5.97 -1.82 -8.53
C4 NAL A 18 -5.44 -1.51 -9.81
C4A NAL A 18 -4.06 -1.62 -10.04
C5 NAL A 18 -3.50 -1.25 -11.28
C6 NAL A 18 -2.12 -1.36 -11.49
C7 NAL A 18 -1.28 -1.81 -10.46
C8 NAL A 18 -1.83 -2.17 -9.22
C8A NAL A 18 -3.22 -2.08 -9.00
C9 NAL A 18 -5.66 -2.47 -6.09
CA NAL A 18 -6.21 -1.19 -5.43
C NAL A 18 -6.64 -1.42 -3.96
N NAL A 18 -5.23 -0.11 -5.58
O NAL A 18 -7.44 -2.32 -3.71
H1 NAL A 18 -3.14 -2.76 -7.03
H3 NAL A 18 -6.94 -1.72 -8.36
H4 NAL A 18 -6.05 -1.21 -10.54
H5 NAL A 18 -4.10 -0.91 -12.01
H6 NAL A 18 -1.73 -1.11 -12.38
H7 NAL A 18 -0.30 -1.89 -10.62
H8 NAL A 18 -1.22 -2.47 -8.48
H91 NAL A 18 -4.88 -2.87 -5.46
H92 NAL A 18 -6.46 -3.22 -6.13
HA NAL A 18 -7.13 -0.91 -5.96
H NAL A 18 -4.25 -0.36 -5.51
N GLY A 19 -6.12 -0.64 -2.99
CA GLY A 19 -6.56 -0.65 -1.59
C GLY A 19 -5.69 -1.47 -0.64
N TYR A 20 -4.46 -1.83 -1.03
CA TYR A 20 -3.59 -2.77 -0.32
C TYR A 20 -2.19 -2.18 -0.02
N CYS A 21 -1.64 -2.46 1.16
CA CYS A 21 -0.32 -2.03 1.60
C CYS A 21 0.82 -2.96 1.12
N GLY A 22 1.97 -2.37 0.77
CA GLY A 22 3.19 -3.12 0.45
C GLY A 22 4.30 -2.22 -0.12
N LYS A 23 5.30 -2.85 -0.75
CA LYS A 23 6.42 -2.19 -1.46
C LYS A 23 6.70 -2.90 -2.79
N GLY A 24 7.49 -2.27 -3.66
CA GLY A 24 7.76 -2.77 -5.02
C GLY A 24 6.68 -2.39 -6.04
N PRO A 25 6.79 -2.85 -7.30
CA PRO A 25 5.97 -2.42 -8.44
C PRO A 25 4.45 -2.41 -8.20
N LYS A 26 3.92 -3.42 -7.50
CA LYS A 26 2.49 -3.55 -7.17
C LYS A 26 1.98 -2.48 -6.18
N TYR A 27 2.85 -1.70 -5.54
CA TYR A 27 2.49 -0.84 -4.41
C TYR A 27 3.13 0.55 -4.43
N CYS A 28 4.44 0.62 -4.71
CA CYS A 28 5.25 1.82 -4.55
C CYS A 28 6.36 1.98 -5.61
N GLY A 29 6.40 1.13 -6.64
CA GLY A 29 7.51 1.05 -7.60
C GLY A 29 8.72 0.29 -7.03
N ARG A 30 9.19 0.71 -5.84
CA ARG A 30 10.31 0.14 -5.09
C ARG A 30 9.92 -0.27 -3.67
N VAL A 1 -1.85 -4.78 2.82
CA VAL A 1 -2.39 -6.16 2.79
C VAL A 1 -3.51 -6.23 3.83
N GLY A 2 -4.60 -6.91 3.52
CA GLY A 2 -5.86 -6.83 4.28
C GLY A 2 -6.62 -5.54 3.94
N GLU A 3 -5.94 -4.39 4.05
CA GLU A 3 -6.40 -3.08 3.60
C GLU A 3 -5.21 -2.16 3.26
N CYS A 4 -5.52 -0.91 2.87
CA CYS A 4 -4.88 0.30 3.38
C CYS A 4 -5.70 0.81 4.57
N VAL A 5 -5.12 0.80 5.78
CA VAL A 5 -5.80 0.98 7.07
C VAL A 5 -6.53 2.33 7.12
N ARG A 6 -7.83 2.35 6.82
CA ARG A 6 -8.61 3.58 6.54
C ARG A 6 -7.89 4.51 5.54
N GLY A 7 -7.11 3.95 4.61
CA GLY A 7 -6.27 4.64 3.64
C GLY A 7 -4.81 4.88 4.05
N ARG A 8 -4.41 4.59 5.29
CA ARG A 8 -3.02 4.70 5.77
C ARG A 8 -2.26 3.37 5.54
N CYS A 9 -0.92 3.41 5.68
CA CYS A 9 -0.07 2.22 5.58
C CYS A 9 1.05 2.22 6.64
N PRO A 10 1.39 1.04 7.22
CA PRO A 10 2.48 0.90 8.19
C PRO A 10 3.85 0.73 7.50
N SER A 11 4.93 0.74 8.30
CA SER A 11 6.29 0.30 7.96
C SER A 11 6.82 0.76 6.58
N GLY A 12 6.52 2.00 6.23
CA GLY A 12 6.85 2.61 4.94
C GLY A 12 6.32 1.83 3.72
N MET A 13 5.17 1.16 3.84
CA MET A 13 4.42 0.65 2.69
C MET A 13 3.65 1.81 2.02
N CYS A 14 3.20 1.55 0.79
CA CYS A 14 2.39 2.43 -0.04
C CYS A 14 1.03 1.80 -0.29
N CYS A 15 -0.03 2.62 -0.38
CA CYS A 15 -1.38 2.16 -0.68
C CYS A 15 -1.57 1.92 -2.18
N SER A 16 -1.72 0.65 -2.58
CA SER A 16 -1.84 0.27 -3.98
C SER A 16 -3.15 0.66 -4.65
N GLN A 17 -3.12 0.57 -5.98
CA GLN A 17 -4.25 0.54 -6.92
C GLN A 17 -5.33 -0.53 -6.63
C1 NAL A 18 -3.16 -4.15 -6.36
C2 NAL A 18 -4.57 -4.11 -6.40
C3 NAL A 18 -5.24 -4.33 -7.62
C4 NAL A 18 -4.52 -4.62 -8.80
C4A NAL A 18 -3.12 -4.68 -8.75
C5 NAL A 18 -2.38 -4.98 -9.91
C6 NAL A 18 -0.99 -5.06 -9.87
C7 NAL A 18 -0.32 -4.83 -8.65
C8 NAL A 18 -1.04 -4.51 -7.49
C8A NAL A 18 -2.44 -4.44 -7.53
C9 NAL A 18 -5.35 -3.78 -5.14
CA NAL A 18 -6.07 -2.42 -5.18
C NAL A 18 -6.68 -2.10 -3.80
N NAL A 18 -5.11 -1.41 -5.63
O NAL A 18 -7.44 -2.91 -3.28
H1 NAL A 18 -2.68 -3.98 -5.50
H3 NAL A 18 -6.24 -4.30 -7.64
H4 NAL A 18 -5.01 -4.78 -9.65
H5 NAL A 18 -2.86 -5.12 -10.78
H6 NAL A 18 -0.47 -5.28 -10.69
H7 NAL A 18 0.68 -4.89 -8.62
H8 NAL A 18 -0.55 -4.32 -6.63
H91 NAL A 18 -4.68 -3.80 -4.29
H92 NAL A 18 -6.09 -4.57 -4.99
HA NAL A 18 -6.89 -2.49 -5.89
H NAL A 18 -4.24 -1.35 -5.13
N GLY A 19 -6.34 -0.95 -3.20
CA GLY A 19 -6.77 -0.61 -1.84
C GLY A 19 -6.07 -1.43 -0.75
N TYR A 20 -4.88 -1.97 -1.05
CA TYR A 20 -4.02 -2.78 -0.20
C TYR A 20 -2.64 -2.14 -0.06
N CYS A 21 -2.11 -2.01 1.16
CA CYS A 21 -0.71 -1.63 1.37
C CYS A 21 0.27 -2.68 0.80
N GLY A 22 1.39 -2.21 0.24
CA GLY A 22 2.55 -3.02 -0.17
C GLY A 22 3.75 -2.13 -0.51
N LYS A 23 4.74 -2.64 -1.27
CA LYS A 23 5.95 -1.88 -1.65
C LYS A 23 6.28 -2.04 -3.15
N GLY A 24 7.18 -1.17 -3.63
CA GLY A 24 7.56 -1.07 -5.04
C GLY A 24 6.51 -0.38 -5.92
N PRO A 25 6.82 -0.06 -7.20
CA PRO A 25 5.92 0.64 -8.12
C PRO A 25 4.52 0.04 -8.19
N LYS A 26 4.42 -1.29 -8.18
CA LYS A 26 3.19 -2.08 -8.19
C LYS A 26 2.19 -1.72 -7.08
N TYR A 27 2.69 -1.18 -5.95
CA TYR A 27 1.89 -0.72 -4.82
C TYR A 27 2.07 0.78 -4.52
N CYS A 28 3.02 1.47 -5.16
CA CYS A 28 3.37 2.86 -4.91
C CYS A 28 3.15 3.81 -6.10
N GLY A 29 2.78 3.31 -7.29
CA GLY A 29 2.53 4.11 -8.48
C GLY A 29 1.72 3.40 -9.57
N ARG A 30 2.26 2.31 -10.14
CA ARG A 30 1.67 1.52 -11.22
C ARG A 30 2.08 0.04 -11.18
N VAL A 1 -0.30 -6.61 0.27
CA VAL A 1 -1.50 -7.19 0.95
C VAL A 1 -1.59 -6.65 2.37
N GLY A 2 -2.77 -6.80 2.99
CA GLY A 2 -3.22 -5.89 4.04
C GLY A 2 -3.88 -4.67 3.40
N GLU A 3 -5.21 -4.57 3.50
CA GLU A 3 -5.98 -3.44 2.97
C GLU A 3 -5.49 -2.09 3.54
N CYS A 4 -5.68 -1.00 2.78
CA CYS A 4 -5.29 0.34 3.23
C CYS A 4 -6.12 0.78 4.43
N VAL A 5 -5.54 0.69 5.63
CA VAL A 5 -6.15 0.85 6.96
C VAL A 5 -6.76 2.24 7.08
N ARG A 6 -8.04 2.34 6.69
CA ARG A 6 -8.78 3.58 6.39
C ARG A 6 -7.89 4.59 5.63
N GLY A 7 -7.20 4.07 4.61
CA GLY A 7 -6.30 4.80 3.70
C GLY A 7 -4.81 4.76 4.09
N ARG A 8 -4.45 4.28 5.30
CA ARG A 8 -3.08 4.28 5.80
C ARG A 8 -2.40 2.91 5.58
N CYS A 9 -1.08 2.87 5.69
CA CYS A 9 -0.26 1.67 5.57
C CYS A 9 0.94 1.74 6.54
N PRO A 10 1.59 0.60 6.85
CA PRO A 10 2.81 0.54 7.66
C PRO A 10 3.95 1.43 7.17
N SER A 11 4.85 1.78 8.10
CA SER A 11 6.01 2.66 7.92
C SER A 11 6.87 2.30 6.71
N GLY A 12 6.73 3.07 5.61
CA GLY A 12 7.48 2.90 4.37
C GLY A 12 6.78 2.06 3.30
N MET A 13 5.57 1.54 3.56
CA MET A 13 4.68 0.99 2.53
C MET A 13 3.88 2.10 1.85
N CYS A 14 3.26 1.74 0.72
CA CYS A 14 2.33 2.56 -0.04
C CYS A 14 0.95 1.89 -0.10
N CYS A 15 -0.11 2.68 0.02
CA CYS A 15 -1.46 2.28 -0.37
C CYS A 15 -1.57 2.25 -1.90
N SER A 16 -1.65 1.05 -2.47
CA SER A 16 -1.82 0.88 -3.92
C SER A 16 -3.25 1.18 -4.40
N GLN A 17 -3.39 1.44 -5.70
CA GLN A 17 -4.66 1.66 -6.41
C GLN A 17 -5.66 0.50 -6.29
C1 NAL A 18 -2.95 -2.68 -7.11
C2 NAL A 18 -4.28 -3.14 -7.12
C3 NAL A 18 -4.85 -3.58 -8.32
C4 NAL A 18 -4.11 -3.56 -9.52
C4A NAL A 18 -2.79 -3.06 -9.52
C5 NAL A 18 -2.03 -3.04 -10.70
C6 NAL A 18 -0.71 -2.56 -10.68
C7 NAL A 18 -0.14 -2.08 -9.48
C8 NAL A 18 -0.91 -2.10 -8.30
C8A NAL A 18 -2.22 -2.61 -8.31
C9 NAL A 18 -5.09 -3.14 -5.83
CA NAL A 18 -5.98 -1.90 -5.66
C NAL A 18 -6.64 -1.88 -4.27
N NAL A 18 -5.17 -0.69 -5.91
O NAL A 18 -7.42 -2.79 -3.97
H1 NAL A 18 -2.53 -2.39 -6.26
H3 NAL A 18 -5.80 -3.92 -8.34
H4 NAL A 18 -4.52 -3.88 -10.38
H5 NAL A 18 -2.42 -3.36 -11.56
H6 NAL A 18 -0.16 -2.56 -11.52
H7 NAL A 18 0.79 -1.74 -9.47
H8 NAL A 18 -0.52 -1.74 -7.45
H91 NAL A 18 -4.40 -3.19 -4.99
H92 NAL A 18 -5.71 -4.03 -5.80
HA NAL A 18 -6.78 -1.94 -6.40
H NAL A 18 -4.18 -0.75 -5.74
N GLY A 19 -6.33 -0.90 -3.41
CA GLY A 19 -6.84 -0.81 -2.04
C GLY A 19 -5.99 -1.53 -1.00
N TYR A 20 -4.75 -1.91 -1.35
CA TYR A 20 -3.86 -2.73 -0.50
C TYR A 20 -2.49 -2.09 -0.33
N CYS A 21 -1.91 -2.29 0.85
CA CYS A 21 -0.57 -1.86 1.23
C CYS A 21 0.53 -2.75 0.65
N GLY A 22 1.72 -2.19 0.41
CA GLY A 22 2.93 -2.95 0.09
C GLY A 22 4.09 -2.06 -0.36
N LYS A 23 5.14 -2.69 -0.92
CA LYS A 23 6.37 -2.06 -1.41
C LYS A 23 6.76 -2.55 -2.81
N GLY A 24 7.72 -1.88 -3.45
CA GLY A 24 8.19 -2.20 -4.80
C GLY A 24 7.17 -1.85 -5.90
N PRO A 25 7.49 -2.11 -7.18
CA PRO A 25 6.69 -1.71 -8.35
C PRO A 25 5.20 -2.06 -8.30
N LYS A 26 4.83 -3.16 -7.62
CA LYS A 26 3.44 -3.58 -7.44
C LYS A 26 2.62 -2.74 -6.45
N TYR A 27 3.23 -1.80 -5.71
CA TYR A 27 2.51 -0.97 -4.73
C TYR A 27 3.07 0.46 -4.57
N CYS A 28 4.39 0.62 -4.60
CA CYS A 28 5.12 1.78 -4.06
C CYS A 28 6.31 2.23 -4.92
N GLY A 29 6.64 1.50 -6.00
CA GLY A 29 7.88 1.67 -6.76
C GLY A 29 9.10 1.11 -6.00
N ARG A 30 9.29 1.54 -4.75
CA ARG A 30 10.44 1.23 -3.89
C ARG A 30 10.03 0.91 -2.44
N VAL A 1 -2.70 -4.77 2.69
CA VAL A 1 -3.46 -6.02 2.45
C VAL A 1 -4.56 -6.14 3.49
N GLY A 2 -5.68 -6.79 3.17
CA GLY A 2 -6.94 -6.61 3.90
C GLY A 2 -7.60 -5.28 3.51
N GLU A 3 -6.82 -4.20 3.62
CA GLU A 3 -7.09 -2.84 3.13
C GLU A 3 -5.79 -2.20 2.57
N CYS A 4 -5.89 -0.96 2.05
CA CYS A 4 -5.04 0.13 2.55
C CYS A 4 -5.66 0.62 3.86
N VAL A 5 -5.02 0.34 4.99
CA VAL A 5 -5.51 0.50 6.37
C VAL A 5 -6.11 1.90 6.55
N ARG A 6 -7.44 1.99 6.49
CA ARG A 6 -8.21 3.26 6.47
C ARG A 6 -7.56 4.33 5.56
N GLY A 7 -7.10 3.90 4.38
CA GLY A 7 -6.47 4.69 3.32
C GLY A 7 -4.93 4.65 3.30
N ARG A 8 -4.28 3.98 4.26
CA ARG A 8 -2.85 4.08 4.56
C ARG A 8 -2.14 2.72 4.61
N CYS A 9 -0.86 2.74 4.96
CA CYS A 9 -0.09 1.61 5.45
C CYS A 9 0.96 2.16 6.46
N PRO A 10 1.67 1.31 7.21
CA PRO A 10 2.77 1.75 8.08
C PRO A 10 3.94 2.41 7.33
N SER A 11 4.79 3.10 8.09
CA SER A 11 6.00 3.78 7.62
C SER A 11 6.93 2.82 6.87
N GLY A 12 6.97 2.94 5.54
CA GLY A 12 7.76 2.10 4.65
C GLY A 12 6.93 1.21 3.71
N MET A 13 5.59 1.24 3.83
CA MET A 13 4.69 0.59 2.87
C MET A 13 3.87 1.67 2.12
N CYS A 14 3.17 1.24 1.07
CA CYS A 14 2.44 2.10 0.12
C CYS A 14 1.11 1.48 -0.31
N CYS A 15 0.17 2.33 -0.77
CA CYS A 15 -1.22 1.97 -1.09
C CYS A 15 -1.43 1.80 -2.61
N SER A 16 -1.69 0.57 -3.06
CA SER A 16 -1.77 0.27 -4.49
C SER A 16 -2.96 0.90 -5.22
N GLN A 17 -2.81 0.89 -6.54
CA GLN A 17 -3.83 1.07 -7.59
C GLN A 17 -5.09 0.17 -7.46
C1 NAL A 18 -3.62 -3.73 -7.11
C2 NAL A 18 -4.98 -3.43 -7.34
C3 NAL A 18 -5.48 -3.44 -8.65
C4 NAL A 18 -4.66 -3.76 -9.74
C4A NAL A 18 -3.30 -4.06 -9.51
C5 NAL A 18 -2.45 -4.37 -10.60
C6 NAL A 18 -1.10 -4.70 -10.35
C7 NAL A 18 -0.61 -4.70 -9.04
C8 NAL A 18 -1.44 -4.35 -7.96
C8A NAL A 18 -2.78 -4.05 -8.19
C9 NAL A 18 -5.86 -3.05 -6.17
CA NAL A 18 -6.30 -1.58 -6.15
C NAL A 18 -6.96 -1.23 -4.81
N NAL A 18 -5.15 -0.73 -6.47
O NAL A 18 -7.91 -1.91 -4.42
H1 NAL A 18 -3.25 -3.71 -6.18
H3 NAL A 18 -6.45 -3.23 -8.80
H4 NAL A 18 -5.02 -3.76 -10.67
H5 NAL A 18 -2.80 -4.35 -11.53
H6 NAL A 18 -0.50 -4.93 -11.12
H7 NAL A 18 0.34 -4.95 -8.86
H8 NAL A 18 -1.06 -4.32 -7.03
H91 NAL A 18 -5.36 -3.23 -5.32
H92 NAL A 18 -6.69 -3.62 -6.20
HA NAL A 18 -7.07 -1.45 -6.93
H NAL A 18 -4.34 -0.82 -5.87
N GLY A 19 -6.46 -0.22 -4.08
CA GLY A 19 -6.95 0.11 -2.74
C GLY A 19 -6.47 -0.87 -1.65
N TYR A 20 -5.38 -1.61 -1.93
CA TYR A 20 -4.73 -2.57 -1.02
C TYR A 20 -3.28 -2.17 -0.81
N CYS A 21 -2.78 -2.07 0.44
CA CYS A 21 -1.41 -1.62 0.67
C CYS A 21 -0.36 -2.75 0.79
N GLY A 22 0.92 -2.41 0.59
CA GLY A 22 2.04 -3.34 0.38
C GLY A 22 3.35 -2.57 0.10
N LYS A 23 4.27 -3.14 -0.69
CA LYS A 23 5.60 -2.55 -0.98
C LYS A 23 5.97 -2.64 -2.46
N GLY A 24 6.90 -1.79 -2.88
CA GLY A 24 7.46 -1.76 -4.25
C GLY A 24 6.54 -1.07 -5.27
N PRO A 25 7.00 -0.90 -6.52
CA PRO A 25 6.31 -0.13 -7.58
C PRO A 25 4.82 -0.41 -7.69
N LYS A 26 4.43 -1.69 -7.69
CA LYS A 26 3.04 -2.18 -7.81
C LYS A 26 2.08 -1.62 -6.76
N TYR A 27 2.62 -1.18 -5.60
CA TYR A 27 1.92 -0.53 -4.51
C TYR A 27 2.27 0.95 -4.37
N CYS A 28 3.47 1.35 -4.78
CA CYS A 28 3.98 2.72 -4.65
C CYS A 28 3.69 3.62 -5.86
N GLY A 29 3.19 3.08 -6.99
CA GLY A 29 2.61 3.88 -8.07
C GLY A 29 2.31 3.16 -9.39
N ARG A 30 3.01 2.07 -9.72
CA ARG A 30 2.84 1.32 -10.97
C ARG A 30 3.07 -0.19 -10.85
#